data_5TNM
#
_entry.id   5TNM
#
_cell.length_a   168.297
_cell.length_b   84.043
_cell.length_c   89.253
_cell.angle_alpha   90.00
_cell.angle_beta   100.39
_cell.angle_gamma   90.00
#
_symmetry.space_group_name_H-M   'C 1 2 1'
#
loop_
_entity.id
_entity.type
_entity.pdbx_description
1 polymer 'CFTR inhibitory factor'
2 non-polymer (2R)-octane-1,2-diol
3 water water
#
_entity_poly.entity_id   1
_entity_poly.type   'polypeptide(L)'
_entity_poly.pdbx_seq_one_letter_code
;AEEFPVPNGFESAYREVDGVKLHYVKGGQGPLVMLVHGFGQTWYEWHQLMPELAKRFTVIAPDLPGLGQSEPPKTGYSGE
QVAVYLHKLARQFSPDRPFDLVAHDIGIWNTYPMVVKNQADIARLVYMQAPIPDARIYRFPAFTAQGESLVWHFSFFAAD
DRLAETLIAGKERFFLEHFIKSHASNTEVFSERLLDLYARSYAKPHSLNASFEYYRALNESVRQNAELAKTRLQMPTMTL
AGGGHGGMGTFQLEQMKAYAEDVEGHVLPGCGHWLPEECAAPMNRLVIDFLSRGRHHHHHH
;
_entity_poly.pdbx_strand_id   A,B,C,D
#
loop_
_chem_comp.id
_chem_comp.type
_chem_comp.name
_chem_comp.formula
7F2 non-polymer (2R)-octane-1,2-diol 'C8 H18 O2'
#
# COMPACT_ATOMS: atom_id res chain seq x y z
N ALA A 1 14.54 -17.35 -24.83
CA ALA A 1 13.41 -16.98 -23.99
C ALA A 1 13.49 -15.51 -23.59
N GLU A 2 12.34 -14.91 -23.31
CA GLU A 2 12.25 -13.51 -22.90
C GLU A 2 11.48 -13.46 -21.58
N GLU A 3 12.08 -12.87 -20.56
CA GLU A 3 11.41 -12.76 -19.26
C GLU A 3 10.27 -11.76 -19.31
N PHE A 4 10.32 -10.77 -20.22
CA PHE A 4 9.31 -9.72 -20.31
C PHE A 4 8.99 -9.48 -21.78
N PRO A 5 7.75 -9.10 -22.09
CA PRO A 5 7.37 -8.89 -23.50
C PRO A 5 8.09 -7.68 -24.09
N VAL A 6 8.67 -7.88 -25.26
CA VAL A 6 9.41 -6.83 -25.96
C VAL A 6 8.41 -5.96 -26.72
N PRO A 7 8.49 -4.63 -26.63
CA PRO A 7 7.54 -3.80 -27.37
C PRO A 7 7.68 -3.99 -28.88
N ASN A 8 6.57 -3.84 -29.58
CA ASN A 8 6.55 -3.99 -31.03
C ASN A 8 7.60 -3.08 -31.67
N GLY A 9 8.38 -3.66 -32.60
CA GLY A 9 9.41 -2.91 -33.26
C GLY A 9 10.74 -2.84 -32.53
N PHE A 10 10.85 -3.43 -31.35
CA PHE A 10 12.12 -3.50 -30.64
C PHE A 10 12.72 -4.89 -30.78
N GLU A 11 14.02 -4.98 -30.54
CA GLU A 11 14.72 -6.27 -30.57
C GLU A 11 15.33 -6.55 -29.20
N SER A 12 15.27 -7.81 -28.79
CA SER A 12 15.97 -8.27 -27.60
C SER A 12 17.25 -8.97 -28.05
N ALA A 13 18.39 -8.56 -27.50
CA ALA A 13 19.67 -9.06 -27.99
C ALA A 13 20.68 -9.07 -26.86
N TYR A 14 21.89 -9.56 -27.16
CA TYR A 14 22.96 -9.66 -26.17
C TYR A 14 24.25 -9.14 -26.78
N ARG A 15 25.12 -8.59 -25.92
CA ARG A 15 26.45 -8.22 -26.38
C ARG A 15 27.46 -8.53 -25.30
N GLU A 16 28.54 -9.20 -25.70
CA GLU A 16 29.65 -9.51 -24.78
C GLU A 16 30.47 -8.25 -24.57
N VAL A 17 30.62 -7.85 -23.31
CA VAL A 17 31.41 -6.67 -22.94
C VAL A 17 32.38 -7.11 -21.85
N ASP A 18 33.68 -7.04 -22.15
CA ASP A 18 34.72 -7.46 -21.21
C ASP A 18 34.41 -8.82 -20.59
N GLY A 19 34.01 -9.77 -21.43
CA GLY A 19 33.75 -11.11 -20.99
C GLY A 19 32.42 -11.34 -20.31
N VAL A 20 31.53 -10.35 -20.28
CA VAL A 20 30.24 -10.45 -19.63
C VAL A 20 29.15 -10.25 -20.68
N LYS A 21 28.22 -11.20 -20.77
CA LYS A 21 27.15 -11.14 -21.75
C LYS A 21 26.01 -10.30 -21.18
N LEU A 22 25.78 -9.13 -21.75
CA LEU A 22 24.73 -8.20 -21.30
C LEU A 22 23.50 -8.34 -22.19
N HIS A 23 22.34 -8.42 -21.56
CA HIS A 23 21.08 -8.39 -22.31
C HIS A 23 20.60 -6.96 -22.45
N TYR A 24 20.01 -6.64 -23.60
CA TYR A 24 19.43 -5.31 -23.77
C TYR A 24 18.26 -5.41 -24.74
N VAL A 25 17.43 -4.38 -24.72
CA VAL A 25 16.34 -4.22 -25.68
C VAL A 25 16.57 -2.90 -26.40
N LYS A 26 16.46 -2.91 -27.73
CA LYS A 26 16.86 -1.77 -28.53
C LYS A 26 15.85 -1.49 -29.63
N GLY A 27 15.62 -0.21 -29.89
CA GLY A 27 14.79 0.15 -31.04
C GLY A 27 14.91 1.63 -31.34
N GLY A 28 14.30 2.00 -32.48
CA GLY A 28 14.27 3.40 -32.88
C GLY A 28 15.44 3.78 -33.74
N GLN A 29 15.51 5.08 -34.05
CA GLN A 29 16.54 5.65 -34.91
C GLN A 29 16.90 7.04 -34.41
N GLY A 30 18.14 7.45 -34.66
CA GLY A 30 18.60 8.75 -34.22
C GLY A 30 19.66 8.63 -33.14
N PRO A 31 19.94 9.73 -32.44
CA PRO A 31 20.94 9.69 -31.38
C PRO A 31 20.56 8.69 -30.31
N LEU A 32 21.57 8.16 -29.63
CA LEU A 32 21.35 7.09 -28.66
C LEU A 32 20.94 7.63 -27.30
N VAL A 33 19.92 7.01 -26.71
CA VAL A 33 19.60 7.18 -25.30
CA VAL A 33 19.57 7.17 -25.31
C VAL A 33 19.64 5.80 -24.64
N MET A 34 20.37 5.71 -23.54
CA MET A 34 20.45 4.48 -22.76
C MET A 34 19.66 4.66 -21.48
N LEU A 35 18.75 3.73 -21.19
CA LEU A 35 17.89 3.76 -20.01
C LEU A 35 18.33 2.65 -19.07
N VAL A 36 18.61 2.99 -17.81
CA VAL A 36 19.22 2.04 -16.86
C VAL A 36 18.34 1.87 -15.63
N HIS A 37 17.84 0.65 -15.44
CA HIS A 37 16.87 0.30 -14.39
C HIS A 37 17.56 0.15 -13.03
N GLY A 38 16.75 -0.10 -12.00
CA GLY A 38 17.25 -0.28 -10.64
C GLY A 38 16.81 -1.56 -9.95
N PHE A 39 16.94 -1.58 -8.62
CA PHE A 39 16.71 -2.80 -7.85
C PHE A 39 15.26 -3.23 -7.93
N GLY A 40 15.05 -4.55 -7.99
CA GLY A 40 13.73 -5.13 -8.04
C GLY A 40 13.14 -5.20 -9.42
N GLN A 41 13.82 -4.63 -10.42
CA GLN A 41 13.26 -4.51 -11.76
C GLN A 41 14.32 -4.86 -12.78
N THR A 42 13.96 -4.63 -14.05
CA THR A 42 14.79 -4.93 -15.20
C THR A 42 14.55 -3.83 -16.24
N TRP A 43 15.07 -4.03 -17.45
CA TRP A 43 14.79 -3.11 -18.56
C TRP A 43 13.30 -2.82 -18.69
N TYR A 44 12.45 -3.77 -18.31
CA TYR A 44 11.02 -3.67 -18.55
C TYR A 44 10.40 -2.48 -17.85
N GLU A 45 11.02 -1.95 -16.79
CA GLU A 45 10.40 -0.77 -16.19
C GLU A 45 10.29 0.40 -17.17
N TRP A 46 11.10 0.40 -18.23
CA TRP A 46 11.09 1.43 -19.26
C TRP A 46 10.15 1.14 -20.43
N HIS A 47 9.37 0.06 -20.39
CA HIS A 47 8.74 -0.40 -21.64
C HIS A 47 7.65 0.54 -22.14
N GLN A 48 7.08 1.41 -21.30
CA GLN A 48 6.09 2.36 -21.78
C GLN A 48 6.71 3.63 -22.32
N LEU A 49 7.86 4.03 -21.75
CA LEU A 49 8.60 5.19 -22.24
C LEU A 49 9.29 4.88 -23.56
N MET A 50 9.77 3.65 -23.74
CA MET A 50 10.62 3.32 -24.89
C MET A 50 9.98 3.59 -26.25
N PRO A 51 8.74 3.18 -26.54
CA PRO A 51 8.20 3.46 -27.88
C PRO A 51 8.06 4.94 -28.18
N GLU A 52 7.79 5.76 -27.17
CA GLU A 52 7.68 7.20 -27.40
C GLU A 52 9.04 7.80 -27.74
N LEU A 53 10.06 7.45 -26.95
CA LEU A 53 11.42 7.92 -27.22
C LEU A 53 11.94 7.43 -28.56
N ALA A 54 11.56 6.22 -28.96
CA ALA A 54 12.08 5.66 -30.21
C ALA A 54 11.57 6.37 -31.45
N LYS A 55 10.58 7.26 -31.30
CA LYS A 55 10.18 8.10 -32.42
C LYS A 55 11.24 9.13 -32.76
N ARG A 56 12.14 9.43 -31.82
CA ARG A 56 13.13 10.48 -31.98
C ARG A 56 14.57 10.02 -31.72
N PHE A 57 14.77 8.87 -31.09
CA PHE A 57 16.09 8.42 -30.66
C PHE A 57 16.25 6.93 -30.95
N THR A 58 17.49 6.49 -31.05
CA THR A 58 17.80 5.07 -30.83
C THR A 58 17.80 4.82 -29.33
N VAL A 59 17.01 3.85 -28.87
CA VAL A 59 16.83 3.61 -27.45
C VAL A 59 17.40 2.24 -27.12
N ILE A 60 18.25 2.17 -26.09
CA ILE A 60 18.75 0.90 -25.59
CA ILE A 60 18.75 0.90 -25.59
C ILE A 60 18.49 0.82 -24.09
N ALA A 61 17.95 -0.31 -23.65
CA ALA A 61 17.68 -0.55 -22.23
C ALA A 61 18.33 -1.85 -21.82
N PRO A 62 19.48 -1.80 -21.16
CA PRO A 62 20.17 -3.02 -20.74
C PRO A 62 19.67 -3.52 -19.39
N ASP A 63 19.85 -4.81 -19.16
CA ASP A 63 19.73 -5.38 -17.82
C ASP A 63 21.06 -5.22 -17.12
N LEU A 64 21.04 -4.70 -15.89
CA LEU A 64 22.27 -4.56 -15.12
C LEU A 64 22.94 -5.92 -14.92
N PRO A 65 24.27 -5.94 -14.82
CA PRO A 65 24.97 -7.22 -14.62
C PRO A 65 24.38 -8.03 -13.48
N GLY A 66 24.07 -9.31 -13.78
CA GLY A 66 23.49 -10.22 -12.81
C GLY A 66 21.98 -10.18 -12.72
N LEU A 67 21.36 -9.11 -13.20
CA LEU A 67 19.91 -8.94 -13.12
C LEU A 67 19.28 -9.14 -14.49
N GLY A 68 17.96 -9.35 -14.50
CA GLY A 68 17.30 -9.67 -15.76
C GLY A 68 17.99 -10.84 -16.43
N GLN A 69 18.36 -10.66 -17.70
CA GLN A 69 19.01 -11.72 -18.48
C GLN A 69 20.51 -11.42 -18.71
N SER A 70 21.10 -10.53 -17.92
CA SER A 70 22.53 -10.23 -18.02
C SER A 70 23.35 -11.09 -17.06
N GLU A 71 24.51 -11.54 -17.54
CA GLU A 71 25.45 -12.27 -16.69
C GLU A 71 26.00 -11.37 -15.58
N PRO A 72 26.38 -11.96 -14.45
CA PRO A 72 27.02 -11.19 -13.38
C PRO A 72 28.32 -10.57 -13.84
N PRO A 73 28.74 -9.47 -13.21
CA PRO A 73 30.02 -8.87 -13.58
C PRO A 73 31.16 -9.76 -13.15
N LYS A 74 32.26 -9.65 -13.88
CA LYS A 74 33.47 -10.41 -13.55
C LYS A 74 34.45 -9.63 -12.68
N THR A 75 34.37 -8.30 -12.68
CA THR A 75 35.24 -7.50 -11.83
C THR A 75 34.66 -7.36 -10.42
N GLY A 76 33.50 -6.74 -10.32
CA GLY A 76 32.88 -6.47 -9.03
C GLY A 76 31.62 -5.65 -9.23
N TYR A 77 30.95 -5.34 -8.12
CA TYR A 77 29.66 -4.67 -8.14
C TYR A 77 29.73 -3.22 -7.71
N SER A 78 30.92 -2.67 -7.48
CA SER A 78 31.01 -1.26 -7.14
C SER A 78 30.62 -0.41 -8.36
N GLY A 79 30.23 0.83 -8.09
CA GLY A 79 29.75 1.68 -9.18
C GLY A 79 30.78 1.86 -10.27
N GLU A 80 32.05 2.05 -9.89
CA GLU A 80 33.07 2.29 -10.89
C GLU A 80 33.32 1.04 -11.74
N GLN A 81 33.22 -0.14 -11.13
CA GLN A 81 33.41 -1.38 -11.89
C GLN A 81 32.25 -1.63 -12.86
N VAL A 82 31.02 -1.48 -12.38
CA VAL A 82 29.85 -1.77 -13.23
C VAL A 82 29.71 -0.72 -14.32
N ALA A 83 30.09 0.52 -14.03
CA ALA A 83 29.94 1.57 -15.03
C ALA A 83 30.78 1.30 -16.27
N VAL A 84 31.91 0.59 -16.12
CA VAL A 84 32.72 0.26 -17.29
C VAL A 84 31.90 -0.54 -18.29
N TYR A 85 31.15 -1.54 -17.80
CA TYR A 85 30.35 -2.36 -18.71
C TYR A 85 29.31 -1.52 -19.44
N LEU A 86 28.63 -0.63 -18.71
CA LEU A 86 27.57 0.16 -19.32
C LEU A 86 28.13 1.21 -20.29
N HIS A 87 29.27 1.82 -19.95
CA HIS A 87 29.87 2.79 -20.86
C HIS A 87 30.30 2.12 -22.16
N LYS A 88 31.00 0.97 -22.06
CA LYS A 88 31.44 0.27 -23.26
C LYS A 88 30.26 -0.22 -24.10
N LEU A 89 29.19 -0.69 -23.45
CA LEU A 89 28.02 -1.12 -24.20
C LEU A 89 27.43 0.04 -25.00
N ALA A 90 27.25 1.19 -24.36
CA ALA A 90 26.69 2.35 -25.06
C ALA A 90 27.57 2.78 -26.21
N ARG A 91 28.89 2.75 -26.01
CA ARG A 91 29.79 3.22 -27.05
C ARG A 91 29.90 2.24 -28.21
N GLN A 92 29.49 0.97 -28.04
CA GLN A 92 29.39 0.09 -29.19
C GLN A 92 28.38 0.61 -30.20
N PHE A 93 27.30 1.22 -29.71
CA PHE A 93 26.23 1.72 -30.56
C PHE A 93 26.35 3.20 -30.89
N SER A 94 27.14 3.96 -30.12
CA SER A 94 27.37 5.37 -30.38
C SER A 94 28.87 5.66 -30.25
N PRO A 95 29.69 5.10 -31.15
CA PRO A 95 31.14 5.23 -30.99
C PRO A 95 31.69 6.63 -31.29
N ASP A 96 30.97 7.46 -32.04
CA ASP A 96 31.49 8.73 -32.52
C ASP A 96 30.63 9.92 -32.13
N ARG A 97 29.62 9.74 -31.29
CA ARG A 97 28.73 10.80 -30.87
C ARG A 97 28.39 10.63 -29.39
N PRO A 98 28.19 11.73 -28.68
CA PRO A 98 27.68 11.62 -27.30
C PRO A 98 26.30 11.00 -27.30
N PHE A 99 25.96 10.35 -26.18
CA PHE A 99 24.64 9.75 -25.99
C PHE A 99 23.99 10.32 -24.73
N ASP A 100 22.67 10.13 -24.63
CA ASP A 100 21.91 10.51 -23.45
C ASP A 100 21.78 9.35 -22.47
N LEU A 101 21.57 9.68 -21.20
CA LEU A 101 21.47 8.68 -20.16
C LEU A 101 20.28 9.00 -19.24
N VAL A 102 19.47 7.99 -18.98
CA VAL A 102 18.39 8.06 -17.99
C VAL A 102 18.59 6.90 -17.02
N ALA A 103 18.54 7.17 -15.72
CA ALA A 103 18.80 6.10 -14.75
C ALA A 103 17.91 6.25 -13.54
N HIS A 104 17.51 5.09 -12.99
CA HIS A 104 16.58 4.99 -11.86
C HIS A 104 17.25 4.17 -10.77
N ASP A 105 17.20 4.64 -9.52
CA ASP A 105 17.57 3.80 -8.36
C ASP A 105 19.05 3.42 -8.51
N ILE A 106 19.44 2.15 -8.36
CA ILE A 106 20.87 1.83 -8.41
C ILE A 106 21.45 1.96 -9.82
N GLY A 107 20.61 2.19 -10.82
CA GLY A 107 21.14 2.63 -12.11
C GLY A 107 21.98 3.89 -12.00
N ILE A 108 21.64 4.77 -11.04
CA ILE A 108 22.46 5.95 -10.78
C ILE A 108 23.84 5.53 -10.26
N TRP A 109 23.86 4.65 -9.27
CA TRP A 109 25.12 4.19 -8.69
C TRP A 109 26.02 3.61 -9.76
N ASN A 110 25.43 2.89 -10.71
CA ASN A 110 26.16 2.14 -11.71
C ASN A 110 26.47 2.95 -12.95
N THR A 111 26.10 4.23 -12.99
CA THR A 111 26.45 5.07 -14.12
C THR A 111 27.20 6.33 -13.75
N TYR A 112 27.04 6.83 -12.52
CA TYR A 112 27.70 8.10 -12.18
C TYR A 112 29.20 8.08 -12.46
N PRO A 113 29.97 7.02 -12.11
CA PRO A 113 31.41 7.05 -12.42
C PRO A 113 31.72 7.20 -13.89
N MET A 114 30.96 6.54 -14.78
CA MET A 114 31.34 6.69 -16.18
C MET A 114 30.91 8.03 -16.74
N VAL A 115 29.88 8.66 -16.16
CA VAL A 115 29.52 10.01 -16.59
C VAL A 115 30.62 10.99 -16.22
N VAL A 116 31.11 10.91 -15.00
CA VAL A 116 32.08 11.92 -14.53
C VAL A 116 33.45 11.68 -15.16
N LYS A 117 33.79 10.44 -15.48
CA LYS A 117 35.06 10.14 -16.12
C LYS A 117 35.04 10.28 -17.65
N ASN A 118 33.86 10.40 -18.26
CA ASN A 118 33.75 10.49 -19.72
C ASN A 118 32.70 11.55 -20.08
N GLN A 119 32.89 12.77 -19.57
CA GLN A 119 31.83 13.78 -19.69
C GLN A 119 31.52 14.12 -21.13
N ALA A 120 32.52 14.11 -22.02
CA ALA A 120 32.25 14.43 -23.41
C ALA A 120 31.41 13.38 -24.11
N ASP A 121 31.24 12.20 -23.51
CA ASP A 121 30.43 11.15 -24.09
C ASP A 121 28.96 11.25 -23.73
N ILE A 122 28.59 12.12 -22.79
CA ILE A 122 27.23 12.21 -22.25
C ILE A 122 26.65 13.55 -22.65
N ALA A 123 25.62 13.52 -23.50
CA ALA A 123 25.02 14.77 -23.96
C ALA A 123 24.09 15.38 -22.92
N ARG A 124 23.15 14.58 -22.40
CA ARG A 124 22.17 15.00 -21.41
C ARG A 124 21.92 13.83 -20.46
N LEU A 125 21.57 14.16 -19.23
CA LEU A 125 21.49 13.19 -18.14
C LEU A 125 20.20 13.37 -17.37
N VAL A 126 19.52 12.25 -17.07
CA VAL A 126 18.31 12.26 -16.23
C VAL A 126 18.50 11.22 -15.13
N TYR A 127 18.42 11.64 -13.87
CA TYR A 127 18.56 10.75 -12.72
C TYR A 127 17.30 10.81 -11.87
N MET A 128 16.82 9.65 -11.40
CA MET A 128 15.61 9.63 -10.59
C MET A 128 15.69 8.61 -9.45
N GLN A 129 15.28 9.05 -8.25
CA GLN A 129 14.96 8.18 -7.10
C GLN A 129 16.12 7.29 -6.65
N ALA A 130 17.23 7.95 -6.32
CA ALA A 130 18.28 7.34 -5.51
C ALA A 130 19.35 8.38 -5.22
N PRO A 131 19.97 8.32 -4.06
CA PRO A 131 21.14 9.17 -3.83
C PRO A 131 22.32 8.67 -4.66
N ILE A 132 23.08 9.61 -5.19
CA ILE A 132 24.44 9.24 -5.60
C ILE A 132 25.18 8.76 -4.37
N PRO A 133 25.94 7.66 -4.43
CA PRO A 133 26.60 7.20 -3.19
C PRO A 133 27.62 8.19 -2.67
N ASP A 134 27.37 8.76 -1.50
CA ASP A 134 28.32 9.62 -0.81
C ASP A 134 27.96 9.64 0.68
N ALA A 135 28.65 10.48 1.44
CA ALA A 135 28.49 10.47 2.89
C ALA A 135 27.09 10.85 3.35
N ARG A 136 26.29 11.46 2.49
CA ARG A 136 24.91 11.81 2.87
C ARG A 136 24.10 10.58 3.22
N ILE A 137 24.43 9.42 2.65
CA ILE A 137 23.61 8.24 2.91
C ILE A 137 23.75 7.78 4.35
N TYR A 138 24.83 8.18 5.03
CA TYR A 138 25.01 7.80 6.43
C TYR A 138 24.16 8.64 7.37
N ARG A 139 23.41 9.61 6.84
CA ARG A 139 22.58 10.47 7.67
C ARG A 139 21.11 10.10 7.61
N PHE A 140 20.74 9.17 6.75
CA PHE A 140 19.34 8.74 6.68
CA PHE A 140 19.34 8.74 6.68
C PHE A 140 18.98 7.96 7.95
N PRO A 141 17.78 8.16 8.49
CA PRO A 141 17.42 7.52 9.76
C PRO A 141 17.02 6.05 9.60
N ALA A 142 17.32 5.27 10.63
CA ALA A 142 16.95 3.87 10.65
C ALA A 142 15.45 3.67 10.89
N PHE A 143 14.80 4.62 11.54
CA PHE A 143 13.42 4.48 12.00
C PHE A 143 12.80 5.86 12.07
N THR A 144 11.52 5.98 11.69
CA THR A 144 10.88 7.29 11.64
C THR A 144 9.59 7.31 12.45
N ALA A 145 9.16 8.54 12.77
N ALA A 145 9.15 8.53 12.78
CA ALA A 145 7.94 8.77 13.53
CA ALA A 145 7.91 8.69 13.52
C ALA A 145 6.70 8.27 12.82
C ALA A 145 6.71 8.33 12.67
N GLN A 146 6.81 7.92 11.54
N GLN A 146 6.71 8.73 11.40
CA GLN A 146 5.72 7.28 10.81
CA GLN A 146 5.60 8.47 10.50
C GLN A 146 5.85 5.76 10.82
C GLN A 146 6.11 7.85 9.21
N GLY A 147 7.06 5.25 11.10
N GLY A 147 5.25 7.08 8.55
CA GLY A 147 7.34 3.84 11.07
CA GLY A 147 5.69 6.34 7.40
C GLY A 147 8.63 3.53 10.32
C GLY A 147 6.69 5.29 7.79
N GLU A 148 8.65 2.41 9.60
N GLU A 148 7.64 5.02 6.89
CA GLU A 148 9.85 1.98 8.89
CA GLU A 148 8.70 4.08 7.14
C GLU A 148 10.35 3.06 7.95
C GLU A 148 10.02 4.66 6.63
N SER A 149 11.67 3.24 7.94
N SER A 149 11.10 4.32 7.34
CA SER A 149 12.31 4.24 7.10
CA SER A 149 12.44 4.65 6.90
C SER A 149 12.44 3.73 5.67
C SER A 149 12.68 4.21 5.47
N LEU A 150 12.85 4.63 4.78
N LEU A 150 13.08 5.16 4.63
CA LEU A 150 12.92 4.27 3.37
CA LEU A 150 13.21 4.86 3.20
C LEU A 150 14.22 3.60 2.96
C LEU A 150 14.23 3.76 2.95
N VAL A 151 15.30 3.71 3.75
CA VAL A 151 16.52 3.02 3.34
C VAL A 151 17.09 2.07 4.38
N TRP A 152 16.28 1.58 5.32
CA TRP A 152 16.79 0.52 6.19
C TRP A 152 17.21 -0.70 5.38
N HIS A 153 16.67 -0.88 4.16
CA HIS A 153 17.09 -1.99 3.33
C HIS A 153 18.56 -1.91 2.94
N PHE A 154 19.18 -0.72 3.00
CA PHE A 154 20.62 -0.63 2.76
C PHE A 154 21.36 -1.58 3.70
N SER A 155 21.01 -1.56 4.99
CA SER A 155 21.71 -2.42 5.95
C SER A 155 21.30 -3.88 5.80
N PHE A 156 20.00 -4.14 5.60
CA PHE A 156 19.53 -5.52 5.42
C PHE A 156 20.28 -6.19 4.26
N PHE A 157 20.35 -5.50 3.13
CA PHE A 157 20.93 -6.09 1.92
C PHE A 157 22.45 -6.17 2.01
N ALA A 158 23.08 -5.27 2.77
CA ALA A 158 24.53 -5.29 2.91
C ALA A 158 25.04 -6.22 4.01
N ALA A 159 24.14 -6.76 4.85
CA ALA A 159 24.56 -7.58 5.97
C ALA A 159 25.33 -8.81 5.48
N ASP A 160 26.27 -9.29 6.30
CA ASP A 160 27.08 -10.43 5.88
C ASP A 160 26.32 -11.72 6.19
N ASP A 161 27.00 -12.87 6.05
CA ASP A 161 26.40 -14.19 6.20
C ASP A 161 25.30 -14.45 5.17
N ARG A 162 25.27 -13.70 4.06
CA ARG A 162 24.19 -13.79 3.07
C ARG A 162 22.83 -13.73 3.75
N LEU A 163 22.71 -12.82 4.72
CA LEU A 163 21.47 -12.72 5.50
C LEU A 163 20.25 -12.55 4.58
N ALA A 164 20.31 -11.61 3.65
CA ALA A 164 19.12 -11.29 2.84
C ALA A 164 18.74 -12.45 1.92
N GLU A 165 19.71 -13.05 1.21
CA GLU A 165 19.37 -14.19 0.35
C GLU A 165 18.86 -15.36 1.17
N THR A 166 19.43 -15.59 2.35
CA THR A 166 19.03 -16.74 3.14
C THR A 166 17.59 -16.58 3.62
N LEU A 167 17.20 -15.36 3.99
CA LEU A 167 15.84 -15.15 4.45
C LEU A 167 14.85 -15.06 3.30
N ILE A 168 15.26 -14.50 2.16
CA ILE A 168 14.31 -14.23 1.09
C ILE A 168 14.16 -15.39 0.10
N ALA A 169 15.16 -16.26 -0.02
CA ALA A 169 15.04 -17.41 -0.93
C ALA A 169 13.79 -18.22 -0.61
N GLY A 170 13.02 -18.54 -1.65
CA GLY A 170 11.75 -19.21 -1.48
C GLY A 170 10.60 -18.30 -1.14
N LYS A 171 10.87 -17.04 -0.79
CA LYS A 171 9.84 -16.07 -0.45
C LYS A 171 9.98 -14.82 -1.31
N GLU A 172 10.53 -14.97 -2.53
CA GLU A 172 10.92 -13.83 -3.33
C GLU A 172 9.71 -13.02 -3.79
N ARG A 173 8.62 -13.71 -4.14
CA ARG A 173 7.44 -13.02 -4.63
C ARG A 173 6.76 -12.25 -3.51
N PHE A 174 6.67 -12.86 -2.32
CA PHE A 174 6.19 -12.16 -1.14
C PHE A 174 7.03 -10.93 -0.83
N PHE A 175 8.36 -11.10 -0.78
CA PHE A 175 9.20 -9.98 -0.38
C PHE A 175 9.11 -8.83 -1.39
N LEU A 176 9.12 -9.15 -2.69
CA LEU A 176 9.15 -8.08 -3.68
C LEU A 176 7.87 -7.27 -3.67
N GLU A 177 6.71 -7.93 -3.50
CA GLU A 177 5.46 -7.18 -3.40
C GLU A 177 5.50 -6.23 -2.20
N HIS A 178 5.98 -6.72 -1.05
CA HIS A 178 6.07 -5.84 0.10
C HIS A 178 7.01 -4.68 -0.16
N PHE A 179 8.21 -4.98 -0.69
CA PHE A 179 9.19 -3.93 -0.95
C PHE A 179 8.65 -2.89 -1.91
N ILE A 180 8.07 -3.33 -3.04
CA ILE A 180 7.60 -2.36 -4.03
C ILE A 180 6.45 -1.53 -3.45
N LYS A 181 5.45 -2.18 -2.86
CA LYS A 181 4.30 -1.41 -2.39
C LYS A 181 4.66 -0.50 -1.22
N SER A 182 5.58 -0.92 -0.34
CA SER A 182 5.95 -0.07 0.79
CA SER A 182 5.97 -0.08 0.78
C SER A 182 6.70 1.17 0.34
N HIS A 183 7.28 1.17 -0.86
CA HIS A 183 7.96 2.32 -1.42
C HIS A 183 7.13 3.04 -2.48
N ALA A 184 5.82 2.80 -2.51
CA ALA A 184 4.94 3.38 -3.51
C ALA A 184 3.87 4.26 -2.88
N SER A 185 3.42 5.24 -3.69
CA SER A 185 2.24 6.05 -3.40
CA SER A 185 2.24 6.03 -3.39
C SER A 185 1.02 5.51 -4.13
N ASN A 186 1.15 5.30 -5.44
CA ASN A 186 0.09 4.77 -6.30
CA ASN A 186 0.06 4.76 -6.27
C ASN A 186 0.29 3.26 -6.41
N THR A 187 -0.07 2.54 -5.34
CA THR A 187 0.23 1.12 -5.28
C THR A 187 -0.58 0.29 -6.25
N GLU A 188 -1.73 0.79 -6.71
CA GLU A 188 -2.62 -0.05 -7.50
CA GLU A 188 -2.64 -0.03 -7.50
C GLU A 188 -2.07 -0.41 -8.87
N VAL A 189 -1.03 0.29 -9.33
CA VAL A 189 -0.44 -0.07 -10.62
C VAL A 189 0.32 -1.38 -10.53
N PHE A 190 0.66 -1.85 -9.33
CA PHE A 190 1.43 -3.10 -9.20
C PHE A 190 0.45 -4.26 -9.04
N SER A 191 -0.14 -4.62 -10.19
CA SER A 191 -1.00 -5.78 -10.29
C SER A 191 -0.23 -7.05 -9.95
N GLU A 192 -0.99 -8.08 -9.55
CA GLU A 192 -0.35 -9.37 -9.27
C GLU A 192 0.37 -9.90 -10.50
N ARG A 193 -0.19 -9.65 -11.69
CA ARG A 193 0.46 -10.09 -12.92
C ARG A 193 1.83 -9.43 -13.12
N LEU A 194 1.90 -8.10 -12.92
CA LEU A 194 3.18 -7.41 -13.07
C LEU A 194 4.18 -7.86 -12.01
N LEU A 195 3.72 -7.99 -10.76
CA LEU A 195 4.61 -8.45 -9.70
C LEU A 195 5.14 -9.86 -9.98
N ASP A 196 4.30 -10.72 -10.56
CA ASP A 196 4.74 -12.07 -10.93
C ASP A 196 5.94 -12.00 -11.89
N LEU A 197 5.86 -11.11 -12.89
CA LEU A 197 6.93 -11.00 -13.88
C LEU A 197 8.23 -10.57 -13.24
N TYR A 198 8.19 -9.52 -12.42
CA TYR A 198 9.41 -9.05 -11.78
C TYR A 198 9.95 -10.07 -10.80
N ALA A 199 9.08 -10.73 -10.05
CA ALA A 199 9.57 -11.69 -9.04
C ALA A 199 10.24 -12.88 -9.69
N ARG A 200 9.69 -13.38 -10.81
CA ARG A 200 10.28 -14.55 -11.47
C ARG A 200 11.71 -14.25 -11.91
N SER A 201 11.99 -13.01 -12.31
CA SER A 201 13.32 -12.67 -12.78
C SER A 201 14.31 -12.58 -11.63
N TYR A 202 13.96 -11.85 -10.57
CA TYR A 202 15.00 -11.70 -9.55
C TYR A 202 15.09 -12.90 -8.62
N ALA A 203 14.19 -13.88 -8.76
CA ALA A 203 14.30 -15.12 -8.00
C ALA A 203 15.32 -16.10 -8.57
N LYS A 204 15.82 -15.88 -9.79
CA LYS A 204 16.98 -16.66 -10.24
C LYS A 204 18.07 -16.52 -9.19
N PRO A 205 18.65 -17.63 -8.69
CA PRO A 205 19.60 -17.51 -7.58
C PRO A 205 20.72 -16.51 -7.82
N HIS A 206 21.31 -16.50 -9.02
CA HIS A 206 22.38 -15.54 -9.27
C HIS A 206 21.87 -14.12 -9.33
N SER A 207 20.58 -13.92 -9.66
CA SER A 207 20.03 -12.58 -9.69
C SER A 207 19.68 -12.09 -8.29
N LEU A 208 19.17 -12.99 -7.44
CA LEU A 208 18.92 -12.60 -6.06
C LEU A 208 20.21 -12.20 -5.37
N ASN A 209 21.28 -12.99 -5.58
CA ASN A 209 22.57 -12.63 -5.01
C ASN A 209 23.11 -11.35 -5.63
N ALA A 210 23.07 -11.24 -6.96
CA ALA A 210 23.55 -10.01 -7.60
C ALA A 210 22.86 -8.78 -7.04
N SER A 211 21.54 -8.85 -6.85
CA SER A 211 20.78 -7.73 -6.31
C SER A 211 21.42 -7.17 -5.05
N PHE A 212 21.79 -8.05 -4.13
CA PHE A 212 22.32 -7.60 -2.85
C PHE A 212 23.81 -7.27 -2.92
N GLU A 213 24.53 -7.83 -3.89
CA GLU A 213 25.94 -7.48 -4.01
C GLU A 213 26.12 -6.01 -4.35
N TYR A 214 25.13 -5.40 -5.03
CA TYR A 214 25.22 -3.95 -5.27
C TYR A 214 25.25 -3.18 -3.97
N TYR A 215 24.54 -3.66 -2.96
CA TYR A 215 24.51 -2.98 -1.66
C TYR A 215 25.72 -3.32 -0.82
N ARG A 216 26.25 -4.55 -0.97
CA ARG A 216 27.49 -4.92 -0.30
C ARG A 216 28.69 -4.15 -0.82
N ALA A 217 28.59 -3.55 -2.00
CA ALA A 217 29.63 -2.71 -2.58
C ALA A 217 29.38 -1.22 -2.36
N LEU A 218 28.28 -0.86 -1.68
CA LEU A 218 27.88 0.54 -1.59
C LEU A 218 28.94 1.39 -0.89
N ASN A 219 29.54 0.89 0.20
CA ASN A 219 30.56 1.68 0.87
C ASN A 219 31.79 1.87 0.00
N GLU A 220 32.13 0.86 -0.80
CA GLU A 220 33.21 1.04 -1.77
C GLU A 220 32.85 2.11 -2.79
N SER A 221 31.60 2.13 -3.25
CA SER A 221 31.16 3.13 -4.21
C SER A 221 31.25 4.53 -3.61
N VAL A 222 30.88 4.66 -2.33
CA VAL A 222 31.05 5.93 -1.64
C VAL A 222 32.50 6.38 -1.66
N ARG A 223 33.42 5.46 -1.35
CA ARG A 223 34.85 5.82 -1.31
C ARG A 223 35.36 6.21 -2.70
N GLN A 224 34.92 5.50 -3.74
CA GLN A 224 35.25 5.88 -5.12
C GLN A 224 34.77 7.28 -5.43
N ASN A 225 33.50 7.57 -5.10
CA ASN A 225 32.88 8.82 -5.50
C ASN A 225 33.47 10.01 -4.75
N ALA A 226 34.03 9.79 -3.56
CA ALA A 226 34.69 10.89 -2.85
C ALA A 226 35.87 11.44 -3.65
N GLU A 227 36.51 10.59 -4.44
CA GLU A 227 37.55 11.08 -5.35
C GLU A 227 36.96 11.65 -6.63
N LEU A 228 36.01 10.93 -7.24
CA LEU A 228 35.49 11.34 -8.55
C LEU A 228 34.78 12.69 -8.48
N ALA A 229 34.06 12.95 -7.38
CA ALA A 229 33.23 14.16 -7.29
C ALA A 229 34.04 15.45 -7.18
N LYS A 230 35.37 15.38 -7.14
CA LYS A 230 36.18 16.60 -7.19
C LYS A 230 36.02 17.35 -8.50
N THR A 231 35.38 16.74 -9.51
CA THR A 231 35.03 17.40 -10.77
C THR A 231 33.51 17.36 -10.92
N ARG A 232 32.90 18.53 -11.08
CA ARG A 232 31.45 18.61 -11.26
C ARG A 232 31.04 18.23 -12.68
N LEU A 233 29.79 17.76 -12.80
CA LEU A 233 29.23 17.43 -14.11
C LEU A 233 28.87 18.71 -14.86
N GLN A 234 29.23 18.77 -16.15
CA GLN A 234 29.08 19.98 -16.94
C GLN A 234 27.91 19.94 -17.91
N MET A 235 27.30 18.77 -18.15
CA MET A 235 26.24 18.65 -19.15
C MET A 235 24.87 18.93 -18.54
N PRO A 236 23.87 19.23 -19.36
CA PRO A 236 22.53 19.47 -18.82
C PRO A 236 21.98 18.24 -18.13
N THR A 237 21.47 18.44 -16.92
N THR A 237 21.50 18.40 -16.89
CA THR A 237 20.97 17.36 -16.08
CA THR A 237 20.96 17.30 -16.13
C THR A 237 19.57 17.70 -15.59
C THR A 237 19.60 17.67 -15.56
N MET A 238 18.73 16.66 -15.45
CA MET A 238 17.42 16.78 -14.83
C MET A 238 17.30 15.70 -13.77
N THR A 239 16.75 16.05 -12.61
CA THR A 239 16.42 15.05 -11.59
C THR A 239 14.91 14.94 -11.45
N LEU A 240 14.43 13.73 -11.22
CA LEU A 240 13.04 13.50 -10.88
C LEU A 240 12.96 12.75 -9.55
N ALA A 241 11.96 13.10 -8.75
CA ALA A 241 11.72 12.42 -7.48
C ALA A 241 10.22 12.39 -7.24
N GLY A 242 9.76 11.37 -6.53
CA GLY A 242 8.38 11.36 -6.07
C GLY A 242 8.19 12.23 -4.85
N GLY A 243 6.99 12.82 -4.75
CA GLY A 243 6.63 13.62 -3.58
C GLY A 243 5.75 12.88 -2.60
N GLY A 244 5.27 11.72 -3.01
CA GLY A 244 4.43 10.89 -2.16
C GLY A 244 5.22 9.89 -1.36
N HIS A 245 4.49 8.94 -0.77
CA HIS A 245 5.08 7.87 0.03
C HIS A 245 6.12 7.11 -0.78
N GLY A 246 7.33 7.00 -0.22
CA GLY A 246 8.43 6.35 -0.92
C GLY A 246 9.28 7.26 -1.76
N GLY A 247 8.87 8.50 -1.93
CA GLY A 247 9.62 9.42 -2.77
C GLY A 247 10.76 10.09 -2.02
N MET A 248 11.79 10.46 -2.78
CA MET A 248 12.95 11.16 -2.21
CA MET A 248 12.94 11.15 -2.19
C MET A 248 12.69 12.63 -1.98
N GLY A 249 11.62 13.19 -2.53
CA GLY A 249 11.31 14.59 -2.27
C GLY A 249 12.41 15.53 -2.76
N THR A 250 12.66 16.58 -1.99
CA THR A 250 13.65 17.57 -2.41
C THR A 250 15.10 17.07 -2.34
N PHE A 251 15.36 15.93 -1.69
CA PHE A 251 16.76 15.48 -1.56
C PHE A 251 17.40 15.26 -2.92
N GLN A 252 16.66 14.71 -3.89
CA GLN A 252 17.24 14.35 -5.17
C GLN A 252 17.91 15.56 -5.83
N LEU A 253 17.16 16.67 -5.96
CA LEU A 253 17.72 17.87 -6.57
C LEU A 253 18.78 18.51 -5.68
N GLU A 254 18.54 18.55 -4.36
CA GLU A 254 19.49 19.26 -3.51
C GLU A 254 20.85 18.57 -3.49
N GLN A 255 20.89 17.24 -3.50
CA GLN A 255 22.17 16.57 -3.64
C GLN A 255 22.78 16.81 -5.02
N MET A 256 21.96 16.75 -6.08
CA MET A 256 22.52 16.90 -7.42
C MET A 256 23.17 18.27 -7.63
N LYS A 257 22.69 19.29 -6.93
CA LYS A 257 23.28 20.62 -7.06
C LYS A 257 24.73 20.64 -6.62
N ALA A 258 25.12 19.72 -5.74
CA ALA A 258 26.52 19.59 -5.35
C ALA A 258 27.36 18.92 -6.41
N TYR A 259 26.74 18.22 -7.37
CA TYR A 259 27.43 17.44 -8.39
C TYR A 259 27.39 18.04 -9.78
N ALA A 260 26.44 18.94 -10.07
CA ALA A 260 26.18 19.36 -11.44
C ALA A 260 26.05 20.87 -11.52
N GLU A 261 26.64 21.46 -12.55
CA GLU A 261 26.55 22.90 -12.78
C GLU A 261 25.18 23.31 -13.33
N ASP A 262 24.55 22.44 -14.12
CA ASP A 262 23.36 22.76 -14.90
C ASP A 262 22.31 21.70 -14.56
N VAL A 263 21.45 21.99 -13.58
CA VAL A 263 20.49 20.99 -13.15
C VAL A 263 19.13 21.64 -12.90
N GLU A 264 18.09 20.96 -13.37
CA GLU A 264 16.71 21.30 -13.03
C GLU A 264 16.07 20.07 -12.40
N GLY A 265 15.19 20.30 -11.44
CA GLY A 265 14.62 19.20 -10.67
C GLY A 265 13.12 19.31 -10.61
N HIS A 266 12.47 18.15 -10.50
CA HIS A 266 11.03 18.07 -10.35
C HIS A 266 10.68 17.07 -9.27
N VAL A 267 9.69 17.41 -8.45
CA VAL A 267 9.09 16.49 -7.50
C VAL A 267 7.66 16.24 -7.96
N LEU A 268 7.31 14.97 -8.16
CA LEU A 268 6.02 14.60 -8.74
C LEU A 268 5.04 14.26 -7.63
N PRO A 269 3.97 15.04 -7.43
CA PRO A 269 3.08 14.77 -6.30
C PRO A 269 2.30 13.48 -6.50
N GLY A 270 2.02 12.80 -5.39
CA GLY A 270 1.22 11.59 -5.47
C GLY A 270 1.93 10.42 -6.08
N CYS A 271 3.26 10.47 -6.15
CA CYS A 271 4.11 9.48 -6.79
C CYS A 271 5.20 9.10 -5.80
N GLY A 272 5.47 7.80 -5.70
CA GLY A 272 6.51 7.34 -4.79
C GLY A 272 7.84 7.06 -5.47
N HIS A 273 8.38 5.88 -5.24
CA HIS A 273 9.67 5.50 -5.80
C HIS A 273 9.59 5.11 -7.28
N TRP A 274 8.50 4.47 -7.70
CA TRP A 274 8.47 3.75 -8.98
C TRP A 274 7.87 4.63 -10.07
N LEU A 275 8.58 5.71 -10.39
CA LEU A 275 7.98 6.75 -11.21
C LEU A 275 7.49 6.27 -12.58
N PRO A 276 8.22 5.42 -13.32
CA PRO A 276 7.73 5.03 -14.66
C PRO A 276 6.39 4.29 -14.62
N GLU A 277 6.07 3.63 -13.53
CA GLU A 277 4.82 2.91 -13.41
C GLU A 277 3.75 3.68 -12.64
N GLU A 278 4.12 4.34 -11.53
CA GLU A 278 3.12 5.04 -10.72
C GLU A 278 2.65 6.32 -11.40
N CYS A 279 3.51 6.95 -12.19
CA CYS A 279 3.23 8.26 -12.74
C CYS A 279 3.74 8.35 -14.17
N ALA A 280 3.31 7.39 -14.99
CA ALA A 280 3.83 7.25 -16.35
C ALA A 280 3.62 8.51 -17.19
N ALA A 281 2.42 9.08 -17.16
CA ALA A 281 2.16 10.21 -18.05
C ALA A 281 3.04 11.41 -17.73
N PRO A 282 3.10 11.93 -16.50
CA PRO A 282 3.98 13.09 -16.28
C PRO A 282 5.45 12.76 -16.37
N MET A 283 5.88 11.56 -15.93
CA MET A 283 7.29 11.24 -15.99
C MET A 283 7.75 11.10 -17.43
N ASN A 284 6.98 10.37 -18.24
CA ASN A 284 7.36 10.22 -19.64
C ASN A 284 7.45 11.57 -20.34
N ARG A 285 6.48 12.46 -20.07
CA ARG A 285 6.50 13.78 -20.70
C ARG A 285 7.74 14.57 -20.29
N LEU A 286 8.09 14.54 -18.99
CA LEU A 286 9.26 15.30 -18.54
C LEU A 286 10.52 14.81 -19.22
N VAL A 287 10.66 13.49 -19.35
CA VAL A 287 11.89 12.91 -19.92
C VAL A 287 11.96 13.20 -21.41
N ILE A 288 10.86 12.96 -22.13
CA ILE A 288 10.87 13.19 -23.58
C ILE A 288 11.16 14.66 -23.88
N ASP A 289 10.50 15.58 -23.16
CA ASP A 289 10.72 17.00 -23.41
C ASP A 289 12.16 17.39 -23.14
N PHE A 290 12.73 16.91 -22.02
CA PHE A 290 14.07 17.31 -21.64
C PHE A 290 15.10 16.82 -22.65
N LEU A 291 14.97 15.57 -23.07
CA LEU A 291 15.91 15.02 -24.05
C LEU A 291 15.72 15.63 -25.42
N SER A 292 14.50 16.07 -25.74
CA SER A 292 14.24 16.64 -27.06
C SER A 292 14.71 18.09 -27.20
N ARG A 293 15.29 18.66 -26.14
CA ARG A 293 15.95 19.95 -26.27
C ARG A 293 17.25 19.82 -27.08
N GLY A 294 17.88 18.64 -27.07
CA GLY A 294 18.98 18.38 -27.96
C GLY A 294 18.52 17.86 -29.32
N ARG A 295 19.47 17.71 -30.24
CA ARG A 295 19.14 17.24 -31.57
C ARG A 295 18.64 15.80 -31.53
N HIS A 296 17.63 15.50 -32.35
CA HIS A 296 17.05 14.16 -32.37
C HIS A 296 16.47 13.82 -33.74
N ALA B 1 7.31 -28.87 30.54
CA ALA B 1 8.68 -28.95 30.07
C ALA B 1 9.32 -27.56 30.07
N GLU B 2 10.29 -27.35 30.96
CA GLU B 2 10.95 -26.05 31.06
C GLU B 2 11.77 -25.78 29.81
N GLU B 3 11.70 -24.54 29.34
CA GLU B 3 12.48 -24.16 28.15
C GLU B 3 13.95 -23.99 28.48
N PHE B 4 14.28 -23.68 29.73
CA PHE B 4 15.64 -23.36 30.17
C PHE B 4 15.85 -23.96 31.54
N PRO B 5 17.09 -24.33 31.88
CA PRO B 5 17.35 -24.97 33.18
C PRO B 5 17.25 -23.97 34.32
N VAL B 6 16.56 -24.36 35.38
CA VAL B 6 16.32 -23.49 36.54
C VAL B 6 17.49 -23.66 37.51
N PRO B 7 18.09 -22.58 38.00
CA PRO B 7 19.20 -22.71 38.95
C PRO B 7 18.75 -23.34 40.26
N ASN B 8 19.67 -24.04 40.92
CA ASN B 8 19.37 -24.64 42.21
CA ASN B 8 19.37 -24.64 42.21
C ASN B 8 18.89 -23.57 43.19
N GLY B 9 17.87 -23.91 43.97
CA GLY B 9 17.29 -22.98 44.92
C GLY B 9 16.25 -22.03 44.35
N PHE B 10 15.95 -22.12 43.06
CA PHE B 10 14.94 -21.30 42.42
C PHE B 10 13.75 -22.15 42.00
N GLU B 11 12.59 -21.52 41.86
CA GLU B 11 11.39 -22.19 41.38
C GLU B 11 10.87 -21.51 40.13
N SER B 12 10.40 -22.32 39.19
CA SER B 12 9.70 -21.85 38.00
C SER B 12 8.21 -21.91 38.30
N ALA B 13 7.50 -20.80 38.07
CA ALA B 13 6.11 -20.72 38.48
C ALA B 13 5.35 -19.75 37.59
N TYR B 14 4.05 -19.65 37.85
CA TYR B 14 3.15 -18.83 37.04
C TYR B 14 2.21 -18.05 37.95
N ARG B 15 1.86 -16.84 37.52
CA ARG B 15 0.82 -16.06 38.18
C ARG B 15 -0.06 -15.43 37.12
N GLU B 16 -1.36 -15.43 37.37
CA GLU B 16 -2.30 -14.75 36.50
C GLU B 16 -2.36 -13.27 36.86
N VAL B 17 -2.14 -12.41 35.88
CA VAL B 17 -2.21 -10.97 36.07
C VAL B 17 -3.14 -10.41 35.01
N ASP B 18 -4.27 -9.86 35.42
CA ASP B 18 -5.25 -9.31 34.49
C ASP B 18 -5.58 -10.31 33.37
N GLY B 19 -5.82 -11.56 33.75
CA GLY B 19 -6.21 -12.57 32.79
C GLY B 19 -5.10 -13.11 31.92
N VAL B 20 -3.85 -12.74 32.17
CA VAL B 20 -2.70 -13.20 31.39
C VAL B 20 -1.82 -14.03 32.32
N LYS B 21 -1.49 -15.25 31.92
CA LYS B 21 -0.66 -16.12 32.74
C LYS B 21 0.81 -15.85 32.45
N LEU B 22 1.51 -15.30 33.43
CA LEU B 22 2.91 -14.92 33.31
C LEU B 22 3.80 -15.99 33.95
N HIS B 23 4.86 -16.36 33.26
CA HIS B 23 5.86 -17.27 33.81
C HIS B 23 7.00 -16.47 34.42
N TYR B 24 7.57 -16.98 35.51
CA TYR B 24 8.73 -16.36 36.12
C TYR B 24 9.55 -17.41 36.85
N VAL B 25 10.78 -17.05 37.21
CA VAL B 25 11.66 -17.86 38.03
C VAL B 25 12.03 -17.02 39.24
N LYS B 26 11.89 -17.59 40.44
CA LYS B 26 12.00 -16.85 41.70
C LYS B 26 12.84 -17.61 42.72
N GLY B 27 13.67 -16.87 43.45
CA GLY B 27 14.43 -17.44 44.54
C GLY B 27 14.95 -16.34 45.45
N GLY B 28 15.46 -16.75 46.60
CA GLY B 28 16.09 -15.83 47.52
C GLY B 28 15.14 -15.33 48.59
N GLN B 29 15.71 -14.50 49.48
CA GLN B 29 15.00 -13.89 50.59
C GLN B 29 15.46 -12.45 50.72
N GLY B 30 14.57 -11.59 51.24
CA GLY B 30 14.88 -10.19 51.41
C GLY B 30 14.03 -9.32 50.51
N PRO B 31 14.40 -8.05 50.35
CA PRO B 31 13.63 -7.16 49.48
C PRO B 31 13.67 -7.65 48.04
N LEU B 32 12.64 -7.28 47.28
CA LEU B 32 12.43 -7.80 45.94
C LEU B 32 13.24 -7.05 44.89
N VAL B 33 13.88 -7.80 44.00
CA VAL B 33 14.45 -7.27 42.77
CA VAL B 33 14.46 -7.28 42.77
C VAL B 33 13.82 -8.00 41.59
N MET B 34 13.27 -7.24 40.65
CA MET B 34 12.71 -7.79 39.42
C MET B 34 13.68 -7.55 38.28
N LEU B 35 13.99 -8.60 37.52
CA LEU B 35 14.93 -8.56 36.40
C LEU B 35 14.13 -8.82 35.14
N VAL B 36 14.20 -7.92 34.16
CA VAL B 36 13.34 -7.97 32.97
C VAL B 36 14.21 -8.05 31.72
N HIS B 37 14.09 -9.16 30.99
CA HIS B 37 14.87 -9.48 29.80
C HIS B 37 14.40 -8.69 28.58
N GLY B 38 15.11 -8.88 27.47
CA GLY B 38 14.78 -8.23 26.21
C GLY B 38 14.62 -9.14 25.01
N PHE B 39 14.70 -8.54 23.81
CA PHE B 39 14.42 -9.25 22.58
C PHE B 39 15.43 -10.37 22.35
N GLY B 40 14.93 -11.49 21.81
CA GLY B 40 15.76 -12.64 21.50
C GLY B 40 16.01 -13.56 22.68
N GLN B 41 15.57 -13.18 23.87
CA GLN B 41 15.95 -13.89 25.08
C GLN B 41 14.72 -14.05 25.96
N THR B 42 14.96 -14.55 27.17
CA THR B 42 13.92 -14.87 28.16
C THR B 42 14.50 -14.55 29.53
N TRP B 43 13.80 -14.98 30.58
CA TRP B 43 14.34 -14.86 31.94
C TRP B 43 15.75 -15.42 32.04
N TYR B 44 16.10 -16.40 31.20
CA TYR B 44 17.34 -17.15 31.36
C TYR B 44 18.57 -16.28 31.19
N GLU B 45 18.48 -15.13 30.51
CA GLU B 45 19.67 -14.31 30.39
C GLU B 45 20.16 -13.84 31.76
N TRP B 46 19.30 -13.88 32.78
CA TRP B 46 19.68 -13.49 34.13
C TRP B 46 20.18 -14.64 34.99
N HIS B 47 20.38 -15.84 34.42
CA HIS B 47 20.56 -17.00 35.29
C HIS B 47 21.90 -17.00 36.02
N GLN B 48 22.89 -16.24 35.55
CA GLN B 48 24.14 -16.15 36.29
C GLN B 48 24.09 -15.10 37.39
N LEU B 49 23.35 -14.01 37.17
CA LEU B 49 23.20 -12.98 38.18
C LEU B 49 22.29 -13.43 39.32
N MET B 50 21.24 -14.19 39.00
CA MET B 50 20.21 -14.54 39.98
C MET B 50 20.75 -15.20 41.24
N PRO B 51 21.60 -16.24 41.17
CA PRO B 51 22.10 -16.85 42.44
C PRO B 51 22.90 -15.89 43.29
N GLU B 52 23.71 -15.01 42.69
CA GLU B 52 24.48 -14.06 43.48
C GLU B 52 23.55 -13.04 44.14
N LEU B 53 22.61 -12.51 43.38
CA LEU B 53 21.66 -11.55 43.93
C LEU B 53 20.79 -12.20 45.02
N ALA B 54 20.48 -13.49 44.88
CA ALA B 54 19.61 -14.16 45.85
C ALA B 54 20.24 -14.30 47.23
N LYS B 55 21.52 -13.99 47.37
CA LYS B 55 22.15 -14.03 48.68
C LYS B 55 21.67 -12.90 49.58
N ARG B 56 21.15 -11.80 49.00
CA ARG B 56 20.71 -10.64 49.75
C ARG B 56 19.30 -10.18 49.42
N PHE B 57 18.68 -10.71 48.34
CA PHE B 57 17.41 -10.22 47.85
C PHE B 57 16.52 -11.39 47.46
N THR B 58 15.21 -11.16 47.47
CA THR B 58 14.29 -12.01 46.72
C THR B 58 14.37 -11.58 45.26
N VAL B 59 14.62 -12.53 44.36
CA VAL B 59 14.82 -12.23 42.94
C VAL B 59 13.69 -12.87 42.13
N ILE B 60 13.06 -12.08 41.27
CA ILE B 60 12.07 -12.59 40.34
C ILE B 60 12.45 -12.16 38.93
N ALA B 61 12.42 -13.10 38.00
CA ALA B 61 12.73 -12.85 36.60
C ALA B 61 11.58 -13.36 35.73
N PRO B 62 10.69 -12.49 35.29
CA PRO B 62 9.57 -12.93 34.46
C PRO B 62 9.95 -13.04 32.99
N ASP B 63 9.19 -13.86 32.27
CA ASP B 63 9.17 -13.79 30.82
C ASP B 63 8.18 -12.69 30.40
N LEU B 64 8.61 -11.82 29.48
CA LEU B 64 7.75 -10.78 28.94
C LEU B 64 6.53 -11.43 28.29
N PRO B 65 5.38 -10.76 28.32
CA PRO B 65 4.17 -11.32 27.69
C PRO B 65 4.42 -11.78 26.27
N GLY B 66 4.01 -13.03 25.99
CA GLY B 66 4.16 -13.63 24.69
C GLY B 66 5.49 -14.29 24.43
N LEU B 67 6.51 -14.00 25.26
CA LEU B 67 7.83 -14.58 25.10
C LEU B 67 8.07 -15.61 26.17
N GLY B 68 9.08 -16.45 25.94
CA GLY B 68 9.34 -17.54 26.89
C GLY B 68 8.08 -18.38 27.09
N GLN B 69 7.70 -18.54 28.36
CA GLN B 69 6.52 -19.32 28.72
C GLN B 69 5.36 -18.44 29.21
N SER B 70 5.39 -17.14 28.91
CA SER B 70 4.32 -16.22 29.29
C SER B 70 3.29 -16.07 28.17
N GLU B 71 2.01 -16.01 28.56
CA GLU B 71 0.95 -15.77 27.59
C GLU B 71 1.08 -14.37 26.98
N PRO B 72 0.64 -14.19 25.74
CA PRO B 72 0.61 -12.85 25.15
C PRO B 72 -0.26 -11.90 25.96
N PRO B 73 -0.02 -10.61 25.84
CA PRO B 73 -0.90 -9.65 26.53
C PRO B 73 -2.27 -9.63 25.89
N LYS B 74 -3.26 -9.31 26.71
CA LYS B 74 -4.63 -9.19 26.23
C LYS B 74 -5.02 -7.75 25.92
N THR B 75 -4.21 -6.79 26.35
CA THR B 75 -4.44 -5.38 26.02
C THR B 75 -3.65 -5.02 24.77
N GLY B 76 -2.32 -4.98 24.87
CA GLY B 76 -1.50 -4.67 23.72
C GLY B 76 -0.04 -4.71 24.10
N TYR B 77 0.82 -4.34 23.13
CA TYR B 77 2.26 -4.47 23.30
C TYR B 77 2.98 -3.14 23.52
N SER B 78 2.24 -2.03 23.64
CA SER B 78 2.90 -0.77 23.92
C SER B 78 3.45 -0.77 25.34
N GLY B 79 4.42 0.11 25.57
CA GLY B 79 5.10 0.13 26.86
C GLY B 79 4.16 0.33 28.03
N GLU B 80 3.21 1.25 27.90
CA GLU B 80 2.29 1.48 29.00
C GLU B 80 1.40 0.27 29.27
N GLN B 81 1.00 -0.45 28.21
CA GLN B 81 0.16 -1.62 28.39
C GLN B 81 0.94 -2.76 29.05
N VAL B 82 2.14 -3.02 28.57
CA VAL B 82 2.90 -4.14 29.10
C VAL B 82 3.34 -3.85 30.53
N ALA B 83 3.66 -2.58 30.82
CA ALA B 83 4.16 -2.22 32.15
C ALA B 83 3.15 -2.53 33.23
N VAL B 84 1.84 -2.47 32.91
CA VAL B 84 0.83 -2.82 33.90
C VAL B 84 1.02 -4.25 34.39
N TYR B 85 1.27 -5.18 33.46
CA TYR B 85 1.43 -6.58 33.85
C TYR B 85 2.63 -6.75 34.78
N LEU B 86 3.75 -6.10 34.42
CA LEU B 86 4.96 -6.26 35.20
C LEU B 86 4.84 -5.59 36.56
N HIS B 87 4.21 -4.42 36.61
CA HIS B 87 4.00 -3.74 37.89
C HIS B 87 3.13 -4.58 38.82
N LYS B 88 2.00 -5.07 38.31
CA LYS B 88 1.10 -5.85 39.14
C LYS B 88 1.74 -7.17 39.57
N LEU B 89 2.56 -7.78 38.71
CA LEU B 89 3.27 -9.00 39.12
C LEU B 89 4.21 -8.71 40.28
N ALA B 90 4.97 -7.62 40.19
CA ALA B 90 5.91 -7.29 41.26
C ALA B 90 5.18 -6.98 42.56
N ARG B 91 4.05 -6.28 42.48
CA ARG B 91 3.29 -5.94 43.68
C ARG B 91 2.69 -7.17 44.35
N GLN B 92 2.47 -8.27 43.63
CA GLN B 92 2.02 -9.49 44.30
C GLN B 92 3.06 -10.00 45.28
N PHE B 93 4.33 -9.77 44.99
CA PHE B 93 5.40 -10.29 45.85
C PHE B 93 6.01 -9.25 46.76
N SER B 94 5.84 -7.96 46.48
CA SER B 94 6.34 -6.90 47.35
C SER B 94 5.26 -5.86 47.59
N PRO B 95 4.14 -6.25 48.22
CA PRO B 95 3.03 -5.28 48.40
C PRO B 95 3.32 -4.16 49.39
N ASP B 96 4.23 -4.36 50.35
CA ASP B 96 4.38 -3.46 51.48
C ASP B 96 5.70 -2.70 51.47
N ARG B 97 6.47 -2.78 50.39
CA ARG B 97 7.81 -2.24 50.36
C ARG B 97 8.17 -1.95 48.91
N PRO B 98 8.90 -0.88 48.62
CA PRO B 98 9.36 -0.67 47.25
C PRO B 98 10.34 -1.75 46.84
N PHE B 99 10.40 -1.99 45.52
CA PHE B 99 11.24 -3.02 44.96
C PHE B 99 12.24 -2.43 43.98
N ASP B 100 13.30 -3.18 43.71
CA ASP B 100 14.29 -2.79 42.71
C ASP B 100 13.95 -3.34 41.35
N LEU B 101 14.42 -2.65 40.32
CA LEU B 101 14.15 -3.05 38.94
C LEU B 101 15.43 -2.99 38.13
N VAL B 102 15.73 -4.09 37.44
CA VAL B 102 16.83 -4.18 36.49
C VAL B 102 16.25 -4.59 35.14
N ALA B 103 16.60 -3.88 34.08
CA ALA B 103 16.00 -4.17 32.78
C ALA B 103 17.01 -4.01 31.65
N HIS B 104 16.93 -4.90 30.67
CA HIS B 104 17.82 -4.98 29.51
C HIS B 104 16.98 -4.86 28.23
N ASP B 105 17.45 -4.06 27.28
CA ASP B 105 16.87 -4.00 25.92
C ASP B 105 15.39 -3.62 26.04
N ILE B 106 14.45 -4.34 25.40
CA ILE B 106 13.06 -3.89 25.43
C ILE B 106 12.43 -4.07 26.81
N GLY B 107 13.13 -4.71 27.73
CA GLY B 107 12.70 -4.64 29.13
C GLY B 107 12.59 -3.21 29.64
N ILE B 108 13.43 -2.31 29.12
CA ILE B 108 13.31 -0.88 29.43
C ILE B 108 11.99 -0.33 28.91
N TRP B 109 11.68 -0.60 27.64
CA TRP B 109 10.45 -0.08 27.04
C TRP B 109 9.23 -0.51 27.83
N ASN B 110 9.26 -1.73 28.35
CA ASN B 110 8.13 -2.35 29.02
C ASN B 110 8.09 -2.07 30.51
N THR B 111 9.02 -1.29 31.04
CA THR B 111 8.98 -0.94 32.46
C THR B 111 8.98 0.54 32.73
N TYR B 112 9.56 1.37 31.86
CA TYR B 112 9.64 2.80 32.14
C TYR B 112 8.29 3.42 32.50
N PRO B 113 7.17 3.13 31.82
CA PRO B 113 5.92 3.77 32.23
C PRO B 113 5.50 3.44 33.66
N MET B 114 5.71 2.21 34.11
CA MET B 114 5.27 1.93 35.47
C MET B 114 6.23 2.50 36.51
N VAL B 115 7.52 2.65 36.16
CA VAL B 115 8.44 3.33 37.05
C VAL B 115 8.03 4.78 37.24
N VAL B 116 7.74 5.48 36.14
CA VAL B 116 7.51 6.92 36.25
C VAL B 116 6.14 7.18 36.88
N LYS B 117 5.18 6.29 36.68
CA LYS B 117 3.86 6.49 37.27
C LYS B 117 3.72 5.98 38.70
N ASN B 118 4.66 5.17 39.18
CA ASN B 118 4.56 4.57 40.52
C ASN B 118 5.89 4.70 41.25
N GLN B 119 6.40 5.93 41.35
CA GLN B 119 7.78 6.11 41.82
C GLN B 119 7.98 5.63 43.25
N ALA B 120 6.95 5.73 44.09
CA ALA B 120 7.07 5.27 45.47
C ALA B 120 7.22 3.76 45.57
N ASP B 121 6.93 3.02 44.49
CA ASP B 121 7.09 1.58 44.47
C ASP B 121 8.47 1.12 44.05
N ILE B 122 9.32 2.03 43.55
CA ILE B 122 10.59 1.67 42.95
C ILE B 122 11.71 2.18 43.84
N ALA B 123 12.49 1.27 44.43
CA ALA B 123 13.55 1.72 45.33
C ALA B 123 14.77 2.17 44.54
N ARG B 124 15.29 1.31 43.67
CA ARG B 124 16.45 1.61 42.83
C ARG B 124 16.23 1.00 41.46
N LEU B 125 16.84 1.63 40.44
CA LEU B 125 16.59 1.33 39.03
C LEU B 125 17.90 1.11 38.29
N VAL B 126 17.98 0.04 37.49
CA VAL B 126 19.14 -0.25 36.65
C VAL B 126 18.66 -0.51 35.23
N TYR B 127 19.13 0.28 34.27
CA TYR B 127 18.74 0.14 32.88
C TYR B 127 19.98 -0.10 32.02
N MET B 128 19.90 -1.04 31.09
CA MET B 128 21.05 -1.33 30.23
C MET B 128 20.65 -1.63 28.80
N GLN B 129 21.38 -1.02 27.85
CA GLN B 129 21.40 -1.40 26.43
C GLN B 129 20.02 -1.33 25.75
N ALA B 130 19.38 -0.17 25.86
CA ALA B 130 18.32 0.24 24.92
C ALA B 130 17.92 1.67 25.24
N PRO B 131 17.53 2.45 24.24
CA PRO B 131 16.98 3.78 24.53
C PRO B 131 15.61 3.65 25.17
N ILE B 132 15.33 4.51 26.15
CA ILE B 132 13.92 4.76 26.47
C ILE B 132 13.24 5.28 25.21
N PRO B 133 12.07 4.76 24.81
CA PRO B 133 11.44 5.24 23.57
C PRO B 133 11.14 6.73 23.61
N ASP B 134 11.84 7.51 22.80
CA ASP B 134 11.55 8.93 22.63
C ASP B 134 12.12 9.36 21.28
N ALA B 135 12.05 10.67 21.00
CA ALA B 135 12.42 11.15 19.66
C ALA B 135 13.90 10.93 19.34
N ARG B 136 14.73 10.64 20.34
CA ARG B 136 16.14 10.38 20.06
C ARG B 136 16.32 9.17 19.17
N ILE B 137 15.38 8.23 19.18
CA ILE B 137 15.55 7.03 18.36
C ILE B 137 15.46 7.35 16.88
N TYR B 138 14.92 8.50 16.52
CA TYR B 138 14.80 8.87 15.11
C TYR B 138 16.10 9.42 14.53
N ARG B 139 17.14 9.53 15.34
CA ARG B 139 18.45 10.02 14.90
C ARG B 139 19.44 8.92 14.55
N PHE B 140 19.18 7.67 14.96
CA PHE B 140 20.10 6.59 14.67
C PHE B 140 20.15 6.34 13.16
N PRO B 141 21.33 6.07 12.61
CA PRO B 141 21.44 5.95 11.15
C PRO B 141 21.00 4.59 10.62
N ALA B 142 20.44 4.63 9.41
CA ALA B 142 20.00 3.41 8.72
C ALA B 142 21.17 2.57 8.24
N PHE B 143 22.31 3.19 7.99
CA PHE B 143 23.45 2.53 7.33
C PHE B 143 24.72 3.27 7.75
N THR B 144 25.84 2.54 7.83
CA THR B 144 27.09 3.13 8.29
C THR B 144 28.23 2.83 7.33
N ALA B 145 29.31 3.60 7.47
CA ALA B 145 30.48 3.42 6.62
C ALA B 145 31.18 2.09 6.83
N GLN B 146 30.80 1.34 7.87
CA GLN B 146 31.34 0.01 8.12
C GLN B 146 30.36 -1.11 7.76
N GLY B 147 29.18 -0.78 7.26
CA GLY B 147 28.19 -1.78 6.93
C GLY B 147 26.91 -1.58 7.71
N GLU B 148 26.25 -2.71 8.03
CA GLU B 148 24.94 -2.62 8.64
C GLU B 148 25.01 -1.90 9.98
N SER B 149 23.96 -1.13 10.26
CA SER B 149 23.84 -0.33 11.48
C SER B 149 23.28 -1.17 12.62
N LEU B 150 23.30 -0.58 13.82
CA LEU B 150 22.83 -1.30 14.99
C LEU B 150 21.30 -1.31 15.12
N VAL B 151 20.59 -0.41 14.45
CA VAL B 151 19.19 -0.19 14.78
CA VAL B 151 19.20 -0.07 14.75
C VAL B 151 18.28 -0.37 13.56
N TRP B 152 18.81 -0.79 12.42
CA TRP B 152 17.91 -1.01 11.28
C TRP B 152 16.85 -2.06 11.59
N HIS B 153 17.10 -2.92 12.57
CA HIS B 153 16.09 -3.91 12.95
C HIS B 153 14.81 -3.26 13.48
N PHE B 154 14.87 -2.02 13.98
CA PHE B 154 13.64 -1.34 14.39
C PHE B 154 12.63 -1.31 13.25
N SER B 155 13.10 -0.98 12.04
CA SER B 155 12.20 -0.87 10.90
C SER B 155 11.81 -2.24 10.36
N PHE B 156 12.76 -3.18 10.31
CA PHE B 156 12.46 -4.54 9.86
C PHE B 156 11.37 -5.17 10.72
N PHE B 157 11.52 -5.06 12.04
CA PHE B 157 10.59 -5.70 12.96
C PHE B 157 9.24 -4.99 12.98
N ALA B 158 9.21 -3.66 12.76
CA ALA B 158 7.97 -2.90 12.78
C ALA B 158 7.19 -2.97 11.47
N ALA B 159 7.81 -3.46 10.40
CA ALA B 159 7.15 -3.53 9.10
C ALA B 159 5.86 -4.35 9.20
N ASP B 160 4.86 -3.99 8.37
CA ASP B 160 3.61 -4.75 8.35
C ASP B 160 3.73 -5.98 7.44
N ASP B 161 2.60 -6.53 7.01
CA ASP B 161 2.56 -7.77 6.23
C ASP B 161 3.23 -8.95 6.94
N ARG B 162 3.36 -8.89 8.27
CA ARG B 162 4.17 -9.85 9.03
CA ARG B 162 4.15 -9.88 9.01
C ARG B 162 5.49 -10.13 8.32
N LEU B 163 6.15 -9.06 7.89
CA LEU B 163 7.37 -9.21 7.09
C LEU B 163 8.41 -10.04 7.84
N ALA B 164 8.68 -9.70 9.10
CA ALA B 164 9.73 -10.38 9.85
C ALA B 164 9.37 -11.84 10.13
N GLU B 165 8.14 -12.10 10.60
CA GLU B 165 7.74 -13.49 10.84
C GLU B 165 7.82 -14.31 9.57
N THR B 166 7.41 -13.73 8.44
CA THR B 166 7.33 -14.51 7.21
C THR B 166 8.72 -14.84 6.69
N LEU B 167 9.65 -13.89 6.79
CA LEU B 167 11.01 -14.16 6.30
C LEU B 167 11.80 -15.02 7.26
N ILE B 168 11.53 -14.92 8.58
CA ILE B 168 12.35 -15.63 9.55
C ILE B 168 11.85 -17.05 9.82
N ALA B 169 10.56 -17.33 9.64
CA ALA B 169 10.05 -18.68 9.86
C ALA B 169 10.83 -19.71 9.03
N GLY B 170 11.20 -20.82 9.68
CA GLY B 170 12.07 -21.81 9.07
C GLY B 170 13.54 -21.47 9.11
N LYS B 171 13.89 -20.25 9.54
CA LYS B 171 15.27 -19.79 9.65
C LYS B 171 15.50 -19.13 11.00
N GLU B 172 14.78 -19.58 12.03
CA GLU B 172 14.77 -18.86 13.30
C GLU B 172 16.14 -18.91 13.97
N ARG B 173 16.77 -20.08 13.96
CA ARG B 173 18.10 -20.23 14.54
C ARG B 173 19.13 -19.42 13.76
N PHE B 174 19.09 -19.51 12.44
CA PHE B 174 20.00 -18.74 11.60
C PHE B 174 19.89 -17.26 11.89
N PHE B 175 18.66 -16.73 11.91
CA PHE B 175 18.51 -15.28 12.10
C PHE B 175 18.96 -14.85 13.47
N LEU B 176 18.57 -15.59 14.51
CA LEU B 176 18.91 -15.17 15.88
C LEU B 176 20.41 -15.21 16.09
N GLU B 177 21.10 -16.23 15.58
CA GLU B 177 22.55 -16.25 15.67
C GLU B 177 23.17 -15.04 14.99
N HIS B 178 22.68 -14.70 13.78
CA HIS B 178 23.21 -13.51 13.12
C HIS B 178 22.91 -12.27 13.93
N PHE B 179 21.70 -12.16 14.49
CA PHE B 179 21.33 -10.96 15.23
C PHE B 179 22.18 -10.81 16.47
N ILE B 180 22.34 -11.90 17.22
CA ILE B 180 23.15 -11.85 18.44
C ILE B 180 24.59 -11.48 18.10
N LYS B 181 25.18 -12.15 17.11
CA LYS B 181 26.59 -11.92 16.84
C LYS B 181 26.83 -10.53 16.25
N SER B 182 25.92 -10.03 15.42
CA SER B 182 26.09 -8.68 14.86
C SER B 182 25.96 -7.59 15.91
N HIS B 183 25.40 -7.89 17.07
CA HIS B 183 25.29 -6.93 18.16
C HIS B 183 26.23 -7.27 19.32
N ALA B 184 27.16 -8.22 19.12
CA ALA B 184 28.07 -8.65 20.16
C ALA B 184 29.50 -8.16 19.90
N SER B 185 30.24 -7.98 20.99
CA SER B 185 31.70 -7.95 20.94
C SER B 185 32.31 -9.32 21.18
N ASN B 186 31.77 -10.04 22.15
CA ASN B 186 32.29 -11.33 22.59
C ASN B 186 31.29 -12.40 22.15
N THR B 187 31.54 -13.00 20.98
CA THR B 187 30.62 -14.00 20.45
C THR B 187 30.85 -15.38 21.04
N GLU B 188 32.04 -15.63 21.61
CA GLU B 188 32.36 -16.96 22.11
C GLU B 188 31.49 -17.39 23.28
N VAL B 189 30.84 -16.45 23.97
CA VAL B 189 30.01 -16.85 25.11
C VAL B 189 28.71 -17.50 24.68
N PHE B 190 28.39 -17.49 23.39
CA PHE B 190 27.13 -18.04 22.88
C PHE B 190 27.40 -19.42 22.29
N SER B 191 27.34 -20.43 23.15
CA SER B 191 27.55 -21.80 22.75
C SER B 191 26.44 -22.26 21.80
N GLU B 192 26.70 -23.40 21.15
CA GLU B 192 25.67 -24.06 20.34
C GLU B 192 24.42 -24.32 21.16
N ARG B 193 24.58 -24.86 22.37
CA ARG B 193 23.43 -25.20 23.19
C ARG B 193 22.63 -23.96 23.56
N LEU B 194 23.32 -22.87 23.95
CA LEU B 194 22.62 -21.67 24.36
C LEU B 194 21.85 -21.04 23.19
N LEU B 195 22.47 -21.00 22.01
CA LEU B 195 21.77 -20.51 20.84
C LEU B 195 20.57 -21.39 20.50
N ASP B 196 20.74 -22.71 20.64
CA ASP B 196 19.64 -23.65 20.41
CA ASP B 196 19.64 -23.64 20.40
C ASP B 196 18.47 -23.35 21.35
N LEU B 197 18.77 -23.15 22.64
CA LEU B 197 17.72 -22.90 23.61
C LEU B 197 16.95 -21.61 23.31
N TYR B 198 17.67 -20.52 23.01
CA TYR B 198 16.96 -19.28 22.72
C TYR B 198 16.19 -19.37 21.41
N ALA B 199 16.76 -20.04 20.41
CA ALA B 199 16.07 -20.14 19.13
C ALA B 199 14.78 -20.95 19.25
N ARG B 200 14.81 -22.04 20.01
CA ARG B 200 13.62 -22.86 20.15
C ARG B 200 12.50 -22.08 20.85
N SER B 201 12.87 -21.23 21.80
CA SER B 201 11.84 -20.48 22.55
C SER B 201 11.17 -19.44 21.66
N TYR B 202 11.95 -18.60 20.98
CA TYR B 202 11.28 -17.54 20.23
C TYR B 202 10.74 -18.03 18.90
N ALA B 203 11.06 -19.27 18.49
CA ALA B 203 10.48 -19.84 17.28
C ALA B 203 9.03 -20.28 17.46
N LYS B 204 8.56 -20.50 18.70
CA LYS B 204 7.14 -20.74 18.90
C LYS B 204 6.35 -19.65 18.14
N PRO B 205 5.39 -20.03 17.30
CA PRO B 205 4.75 -19.02 16.44
C PRO B 205 4.21 -17.81 17.19
N HIS B 206 3.58 -18.00 18.34
CA HIS B 206 3.07 -16.83 19.05
C HIS B 206 4.19 -16.01 19.66
N SER B 207 5.36 -16.62 19.93
CA SER B 207 6.48 -15.87 20.48
C SER B 207 7.23 -15.13 19.39
N LEU B 208 7.31 -15.73 18.21
CA LEU B 208 7.94 -15.03 17.09
C LEU B 208 7.14 -13.76 16.76
N ASN B 209 5.81 -13.89 16.70
CA ASN B 209 4.98 -12.71 16.48
C ASN B 209 5.07 -11.74 17.64
N ALA B 210 4.97 -12.23 18.88
CA ALA B 210 5.08 -11.33 20.03
C ALA B 210 6.35 -10.51 19.98
N SER B 211 7.48 -11.15 19.59
CA SER B 211 8.76 -10.45 19.53
C SER B 211 8.65 -9.17 18.70
N PHE B 212 8.01 -9.26 17.54
CA PHE B 212 7.96 -8.11 16.66
C PHE B 212 6.81 -7.16 16.99
N GLU B 213 5.78 -7.63 17.71
CA GLU B 213 4.71 -6.70 18.08
C GLU B 213 5.22 -5.63 19.03
N TYR B 214 6.24 -5.92 19.85
CA TYR B 214 6.84 -4.87 20.66
C TYR B 214 7.37 -3.72 19.78
N TYR B 215 7.93 -4.06 18.61
CA TYR B 215 8.45 -3.03 17.71
C TYR B 215 7.33 -2.37 16.90
N ARG B 216 6.28 -3.12 16.55
CA ARG B 216 5.15 -2.51 15.89
C ARG B 216 4.43 -1.52 16.80
N ALA B 217 4.62 -1.61 18.11
CA ALA B 217 4.08 -0.64 19.05
C ALA B 217 5.08 0.44 19.45
N LEU B 218 6.26 0.46 18.86
CA LEU B 218 7.33 1.34 19.35
C LEU B 218 6.96 2.82 19.19
N ASN B 219 6.38 3.20 18.04
CA ASN B 219 6.03 4.60 17.90
C ASN B 219 4.90 5.01 18.86
N GLU B 220 3.99 4.08 19.15
CA GLU B 220 2.98 4.37 20.15
C GLU B 220 3.63 4.57 21.52
N SER B 221 4.66 3.77 21.83
CA SER B 221 5.37 3.92 23.10
C SER B 221 6.08 5.27 23.17
N VAL B 222 6.70 5.71 22.07
CA VAL B 222 7.28 7.05 22.01
C VAL B 222 6.25 8.10 22.34
N ARG B 223 5.08 8.03 21.71
CA ARG B 223 4.06 9.05 21.96
C ARG B 223 3.57 9.00 23.40
N GLN B 224 3.42 7.80 23.96
CA GLN B 224 3.05 7.66 25.37
C GLN B 224 4.09 8.34 26.26
N ASN B 225 5.37 8.05 26.00
CA ASN B 225 6.44 8.55 26.86
C ASN B 225 6.59 10.06 26.77
N ALA B 226 6.20 10.66 25.64
CA ALA B 226 6.28 12.11 25.52
C ALA B 226 5.47 12.81 26.60
N GLU B 227 4.36 12.21 27.00
CA GLU B 227 3.56 12.76 28.10
C GLU B 227 4.08 12.31 29.46
N LEU B 228 4.44 11.04 29.60
CA LEU B 228 4.91 10.54 30.89
C LEU B 228 6.18 11.26 31.34
N ALA B 229 7.06 11.60 30.40
CA ALA B 229 8.36 12.16 30.75
C ALA B 229 8.29 13.57 31.32
N LYS B 230 7.11 14.18 31.38
CA LYS B 230 6.97 15.47 32.05
C LYS B 230 7.29 15.37 33.53
N THR B 231 7.31 14.16 34.08
CA THR B 231 7.69 13.89 35.47
C THR B 231 9.05 13.20 35.48
N ARG B 232 10.03 13.83 36.12
CA ARG B 232 11.36 13.25 36.24
C ARG B 232 11.38 12.09 37.23
N LEU B 233 12.32 11.16 37.01
CA LEU B 233 12.51 10.05 37.93
C LEU B 233 13.35 10.50 39.11
N GLN B 234 12.92 10.15 40.32
CA GLN B 234 13.55 10.63 41.53
C GLN B 234 14.35 9.58 42.28
N MET B 235 14.24 8.30 41.91
CA MET B 235 14.93 7.26 42.66
C MET B 235 16.36 7.09 42.16
N PRO B 236 17.25 6.51 42.98
CA PRO B 236 18.62 6.24 42.52
C PRO B 236 18.60 5.33 41.30
N THR B 237 19.32 5.73 40.25
CA THR B 237 19.34 5.03 38.97
CA THR B 237 19.35 4.99 39.00
C THR B 237 20.78 4.79 38.55
N MET B 238 21.03 3.64 37.92
CA MET B 238 22.32 3.33 37.31
C MET B 238 22.08 2.85 35.88
N THR B 239 22.88 3.35 34.94
CA THR B 239 22.84 2.82 33.58
C THR B 239 24.14 2.07 33.28
N LEU B 240 24.01 1.00 32.48
CA LEU B 240 25.14 0.25 31.96
C LEU B 240 25.02 0.18 30.45
N ALA B 241 26.16 0.22 29.78
CA ALA B 241 26.19 0.11 28.32
C ALA B 241 27.52 -0.48 27.92
N GLY B 242 27.51 -1.22 26.80
CA GLY B 242 28.77 -1.71 26.25
C GLY B 242 29.54 -0.61 25.54
N GLY B 243 30.86 -0.72 25.59
CA GLY B 243 31.73 0.20 24.87
C GLY B 243 32.30 -0.39 23.59
N GLY B 244 32.07 -1.68 23.36
CA GLY B 244 32.54 -2.35 22.16
C GLY B 244 31.48 -2.38 21.07
N HIS B 245 31.75 -3.20 20.05
CA HIS B 245 30.80 -3.39 18.97
C HIS B 245 29.46 -3.88 19.49
N GLY B 246 28.38 -3.21 19.09
CA GLY B 246 27.05 -3.48 19.59
C GLY B 246 26.66 -2.69 20.83
N GLY B 247 27.61 -2.00 21.46
CA GLY B 247 27.29 -1.25 22.65
C GLY B 247 26.69 0.11 22.32
N MET B 248 25.89 0.61 23.25
CA MET B 248 25.33 1.95 23.13
C MET B 248 26.29 3.06 23.55
N GLY B 249 27.43 2.74 24.16
CA GLY B 249 28.36 3.79 24.52
C GLY B 249 27.76 4.81 25.45
N THR B 250 28.11 6.09 25.23
CA THR B 250 27.69 7.14 26.13
C THR B 250 26.21 7.47 26.03
N PHE B 251 25.53 6.97 24.98
CA PHE B 251 24.13 7.35 24.79
C PHE B 251 23.27 6.98 25.99
N GLN B 252 23.50 5.79 26.57
CA GLN B 252 22.63 5.31 27.64
C GLN B 252 22.58 6.28 28.81
N LEU B 253 23.75 6.66 29.33
CA LEU B 253 23.79 7.60 30.44
C LEU B 253 23.32 8.98 30.02
N GLU B 254 23.72 9.42 28.82
CA GLU B 254 23.39 10.79 28.43
C GLU B 254 21.89 10.94 28.25
N GLN B 255 21.21 9.94 27.71
CA GLN B 255 19.75 9.99 27.66
C GLN B 255 19.17 9.96 29.07
N MET B 256 19.68 9.08 29.94
CA MET B 256 19.09 8.97 31.26
C MET B 256 19.21 10.26 32.06
N LYS B 257 20.25 11.06 31.78
CA LYS B 257 20.39 12.35 32.46
C LYS B 257 19.18 13.25 32.22
N ALA B 258 18.52 13.11 31.07
CA ALA B 258 17.32 13.91 30.80
C ALA B 258 16.09 13.39 31.52
N TYR B 259 16.13 12.15 32.02
CA TYR B 259 14.99 11.52 32.68
C TYR B 259 15.11 11.45 34.20
N ALA B 260 16.32 11.43 34.75
CA ALA B 260 16.52 11.09 36.15
C ALA B 260 17.42 12.11 36.85
N GLU B 261 17.01 12.49 38.07
CA GLU B 261 17.77 13.45 38.85
C GLU B 261 19.03 12.84 39.44
N ASP B 262 19.00 11.54 39.77
CA ASP B 262 20.06 10.89 40.55
C ASP B 262 20.49 9.66 39.76
N VAL B 263 21.52 9.82 38.91
CA VAL B 263 21.91 8.76 37.97
C VAL B 263 23.43 8.68 37.89
N GLU B 264 23.93 7.45 37.92
CA GLU B 264 25.32 7.14 37.65
C GLU B 264 25.38 6.14 36.50
N GLY B 265 26.43 6.21 35.71
CA GLY B 265 26.52 5.38 34.53
C GLY B 265 27.90 4.77 34.36
N HIS B 266 27.94 3.63 33.68
CA HIS B 266 29.19 3.00 33.32
C HIS B 266 29.12 2.49 31.89
N VAL B 267 30.23 2.65 31.19
CA VAL B 267 30.44 2.05 29.88
C VAL B 267 31.50 0.98 30.02
N LEU B 268 31.21 -0.23 29.54
CA LEU B 268 32.10 -1.37 29.74
C LEU B 268 32.92 -1.61 28.48
N PRO B 269 34.21 -1.28 28.47
CA PRO B 269 35.02 -1.52 27.27
C PRO B 269 35.09 -3.00 26.96
N GLY B 270 35.09 -3.33 25.67
CA GLY B 270 35.22 -4.73 25.28
C GLY B 270 33.96 -5.55 25.37
N CYS B 271 32.81 -4.91 25.63
CA CYS B 271 31.50 -5.55 25.72
C CYS B 271 30.54 -4.94 24.72
N GLY B 272 29.66 -5.77 24.16
CA GLY B 272 28.65 -5.28 23.24
C GLY B 272 27.27 -5.15 23.87
N HIS B 273 26.26 -5.69 23.20
CA HIS B 273 24.88 -5.52 23.62
C HIS B 273 24.48 -6.47 24.74
N TRP B 274 25.01 -7.69 24.75
CA TRP B 274 24.45 -8.77 25.55
C TRP B 274 25.17 -8.85 26.90
N LEU B 275 25.07 -7.76 27.67
CA LEU B 275 25.95 -7.60 28.83
C LEU B 275 25.87 -8.74 29.84
N PRO B 276 24.70 -9.28 30.20
CA PRO B 276 24.70 -10.38 31.18
C PRO B 276 25.46 -11.61 30.72
N GLU B 277 25.62 -11.81 29.42
CA GLU B 277 26.36 -12.96 28.91
C GLU B 277 27.75 -12.61 28.43
N GLU B 278 27.90 -11.53 27.67
CA GLU B 278 29.23 -11.16 27.18
C GLU B 278 30.13 -10.73 28.31
N CYS B 279 29.58 -10.05 29.31
CA CYS B 279 30.41 -9.46 30.35
C CYS B 279 29.76 -9.69 31.71
N ALA B 280 29.49 -10.97 31.98
CA ALA B 280 28.72 -11.36 33.16
C ALA B 280 29.35 -10.87 34.45
N ALA B 281 30.66 -11.12 34.62
CA ALA B 281 31.25 -10.85 35.93
C ALA B 281 31.24 -9.36 36.27
N PRO B 282 31.74 -8.45 35.41
CA PRO B 282 31.69 -7.02 35.79
C PRO B 282 30.27 -6.46 35.84
N MET B 283 29.38 -6.93 34.96
CA MET B 283 28.01 -6.44 35.02
C MET B 283 27.35 -6.87 36.33
N ASN B 284 27.53 -8.14 36.72
CA ASN B 284 26.97 -8.63 37.98
C ASN B 284 27.50 -7.82 39.15
N ARG B 285 28.81 -7.58 39.20
CA ARG B 285 29.38 -6.84 40.32
C ARG B 285 28.80 -5.44 40.41
N LEU B 286 28.69 -4.75 39.27
CA LEU B 286 28.17 -3.39 39.31
C LEU B 286 26.71 -3.35 39.75
N VAL B 287 25.89 -4.28 39.25
CA VAL B 287 24.49 -4.34 39.68
C VAL B 287 24.41 -4.67 41.17
N ILE B 288 25.15 -5.68 41.60
CA ILE B 288 25.06 -6.09 43.01
C ILE B 288 25.50 -4.97 43.93
N ASP B 289 26.64 -4.33 43.62
CA ASP B 289 27.09 -3.23 44.48
C ASP B 289 26.08 -2.08 44.48
N PHE B 290 25.54 -1.72 43.31
CA PHE B 290 24.60 -0.60 43.26
C PHE B 290 23.35 -0.90 44.07
N LEU B 291 22.82 -2.12 43.95
CA LEU B 291 21.59 -2.44 44.69
C LEU B 291 21.84 -2.63 46.17
N SER B 292 23.05 -3.01 46.55
CA SER B 292 23.35 -3.32 47.94
C SER B 292 23.65 -2.08 48.77
N ARG B 293 23.73 -0.90 48.15
CA ARG B 293 23.75 0.34 48.92
C ARG B 293 22.41 0.63 49.59
N GLY B 294 21.34 -0.07 49.20
CA GLY B 294 20.07 0.02 49.87
C GLY B 294 19.88 -1.08 50.90
N ARG B 295 18.74 -1.02 51.59
CA ARG B 295 18.42 -2.01 52.61
C ARG B 295 18.22 -3.39 51.99
N HIS B 296 18.95 -4.38 52.48
CA HIS B 296 18.84 -5.74 51.96
C HIS B 296 19.07 -6.80 53.02
N ALA C 1 -17.13 -10.19 26.62
CA ALA C 1 -16.46 -10.49 25.35
C ALA C 1 -16.32 -9.23 24.50
N GLU C 2 -15.25 -8.46 24.73
CA GLU C 2 -15.05 -7.22 24.00
C GLU C 2 -14.40 -7.49 22.65
N GLU C 3 -14.82 -6.74 21.64
CA GLU C 3 -14.21 -6.89 20.33
C GLU C 3 -12.83 -6.24 20.27
N PHE C 4 -12.58 -5.22 21.08
CA PHE C 4 -11.34 -4.46 21.09
C PHE C 4 -10.95 -4.16 22.53
N PRO C 5 -9.64 -4.05 22.81
CA PRO C 5 -9.20 -3.80 24.19
C PRO C 5 -9.51 -2.38 24.64
N VAL C 6 -10.12 -2.28 25.81
CA VAL C 6 -10.51 -0.99 26.38
C VAL C 6 -9.29 -0.37 27.06
N PRO C 7 -9.01 0.92 26.83
CA PRO C 7 -7.84 1.52 27.49
C PRO C 7 -8.00 1.56 29.00
N ASN C 8 -6.87 1.56 29.69
CA ASN C 8 -6.87 1.59 31.14
C ASN C 8 -7.66 2.79 31.65
N GLY C 9 -8.53 2.55 32.63
CA GLY C 9 -9.35 3.62 33.18
C GLY C 9 -10.62 3.93 32.42
N PHE C 10 -10.89 3.24 31.32
CA PHE C 10 -12.14 3.42 30.59
C PHE C 10 -13.05 2.23 30.86
N GLU C 11 -14.35 2.43 30.65
CA GLU C 11 -15.33 1.38 30.80
C GLU C 11 -16.05 1.16 29.47
N SER C 12 -16.34 -0.12 29.19
CA SER C 12 -17.19 -0.51 28.08
C SER C 12 -18.60 -0.72 28.63
N ALA C 13 -19.59 -0.09 28.00
CA ALA C 13 -20.94 -0.11 28.52
C ALA C 13 -21.94 0.03 27.38
N TYR C 14 -23.22 -0.05 27.74
CA TYR C 14 -24.30 0.01 26.76
C TYR C 14 -25.38 0.95 27.25
N ARG C 15 -26.06 1.60 26.32
CA ARG C 15 -27.21 2.43 26.67
C ARG C 15 -28.31 2.23 25.65
N GLU C 16 -29.51 1.93 26.14
CA GLU C 16 -30.69 1.82 25.29
C GLU C 16 -31.18 3.22 24.91
N VAL C 17 -31.27 3.49 23.61
CA VAL C 17 -31.72 4.79 23.10
C VAL C 17 -32.79 4.51 22.06
N ASP C 18 -34.02 4.95 22.32
CA ASP C 18 -35.15 4.72 21.40
C ASP C 18 -35.23 3.26 20.96
N GLY C 19 -35.05 2.36 21.92
CA GLY C 19 -35.18 0.94 21.66
C GLY C 19 -34.00 0.28 21.00
N VAL C 20 -32.87 0.97 20.87
CA VAL C 20 -31.68 0.44 20.24
C VAL C 20 -30.55 0.47 21.27
N LYS C 21 -29.92 -0.68 21.49
CA LYS C 21 -28.84 -0.79 22.46
C LYS C 21 -27.52 -0.39 21.80
N LEU C 22 -26.97 0.75 22.21
CA LEU C 22 -25.73 1.27 21.65
C LEU C 22 -24.57 0.93 22.58
N HIS C 23 -23.47 0.44 22.00
CA HIS C 23 -22.26 0.21 22.77
C HIS C 23 -21.40 1.47 22.77
N TYR C 24 -20.73 1.74 23.88
CA TYR C 24 -19.79 2.85 23.90
C TYR C 24 -18.67 2.55 24.88
N VAL C 25 -17.59 3.31 24.74
CA VAL C 25 -16.47 3.30 25.69
C VAL C 25 -16.34 4.72 26.24
N LYS C 26 -16.17 4.82 27.57
CA LYS C 26 -16.27 6.10 28.27
C LYS C 26 -15.19 6.21 29.34
N GLY C 27 -14.62 7.40 29.48
CA GLY C 27 -13.67 7.66 30.56
C GLY C 27 -13.45 9.15 30.69
N GLY C 28 -12.79 9.52 31.79
CA GLY C 28 -12.43 10.91 32.01
C GLY C 28 -13.46 11.68 32.80
N GLN C 29 -13.14 12.96 32.99
CA GLN C 29 -13.96 13.89 33.77
C GLN C 29 -13.93 15.25 33.11
N GLY C 30 -15.00 16.02 33.30
CA GLY C 30 -15.11 17.33 32.70
C GLY C 30 -16.16 17.37 31.60
N PRO C 31 -16.15 18.44 30.80
CA PRO C 31 -17.14 18.55 29.72
C PRO C 31 -17.03 17.38 28.75
N LEU C 32 -18.14 17.09 28.09
CA LEU C 32 -18.25 15.88 27.27
C LEU C 32 -17.75 16.11 25.85
N VAL C 33 -16.94 15.17 25.36
N VAL C 33 -16.95 15.15 25.36
CA VAL C 33 -16.61 15.09 23.95
CA VAL C 33 -16.58 15.06 23.95
C VAL C 33 -17.03 13.72 23.45
C VAL C 33 -17.02 13.70 23.45
N MET C 34 -17.78 13.69 22.35
CA MET C 34 -18.20 12.45 21.71
C MET C 34 -17.39 12.26 20.43
N LEU C 35 -16.78 11.08 20.28
CA LEU C 35 -15.97 10.72 19.11
C LEU C 35 -16.72 9.67 18.31
N VAL C 36 -16.95 9.93 17.02
CA VAL C 36 -17.81 9.08 16.20
C VAL C 36 -17.03 8.53 15.01
N HIS C 37 -16.85 7.21 14.99
CA HIS C 37 -16.04 6.50 14.00
C HIS C 37 -16.73 6.40 12.63
N GLY C 38 -16.02 5.82 11.67
CA GLY C 38 -16.53 5.62 10.32
C GLY C 38 -16.53 4.19 9.80
N PHE C 39 -16.69 4.07 8.49
CA PHE C 39 -16.81 2.76 7.85
C PHE C 39 -15.53 1.94 7.98
N GLY C 40 -15.70 0.64 8.21
CA GLY C 40 -14.58 -0.27 8.34
C GLY C 40 -14.01 -0.33 9.73
N GLN C 41 -14.46 0.53 10.64
CA GLN C 41 -13.86 0.63 11.97
C GLN C 41 -14.95 0.71 13.01
N THR C 42 -14.55 1.01 14.24
CA THR C 42 -15.40 1.05 15.42
C THR C 42 -14.89 2.17 16.31
N TRP C 43 -15.41 2.24 17.54
CA TRP C 43 -14.88 3.14 18.55
C TRP C 43 -13.35 3.04 18.67
N TYR C 44 -12.79 1.87 18.38
CA TYR C 44 -11.38 1.62 18.63
C TYR C 44 -10.46 2.52 17.81
N GLU C 45 -10.93 3.09 16.69
CA GLU C 45 -10.03 3.98 15.96
C GLU C 45 -9.59 5.15 16.83
N TRP C 46 -10.34 5.47 17.88
CA TRP C 46 -10.05 6.58 18.76
C TRP C 46 -9.21 6.20 19.97
N HIS C 47 -8.77 4.94 20.10
CA HIS C 47 -8.26 4.50 21.40
C HIS C 47 -6.93 5.14 21.81
N GLN C 48 -6.17 5.73 20.87
CA GLN C 48 -4.97 6.44 21.26
C GLN C 48 -5.24 7.90 21.63
N LEU C 49 -6.24 8.51 21.00
CA LEU C 49 -6.63 9.86 21.33
C LEU C 49 -7.37 9.93 22.65
N MET C 50 -8.16 8.90 22.97
CA MET C 50 -9.05 8.96 24.13
C MET C 50 -8.33 9.19 25.45
N PRO C 51 -7.23 8.48 25.80
CA PRO C 51 -6.58 8.76 27.08
C PRO C 51 -6.06 10.18 27.21
N GLU C 52 -5.64 10.80 26.11
CA GLU C 52 -5.13 12.16 26.16
C GLU C 52 -6.25 13.16 26.40
N LEU C 53 -7.37 13.02 25.68
CA LEU C 53 -8.52 13.88 25.89
C LEU C 53 -9.11 13.70 27.28
N ALA C 54 -9.05 12.48 27.83
CA ALA C 54 -9.69 12.23 29.11
C ALA C 54 -9.00 12.93 30.27
N LYS C 55 -7.80 13.48 30.06
CA LYS C 55 -7.18 14.31 31.08
C LYS C 55 -7.93 15.61 31.31
N ARG C 56 -8.70 16.06 30.32
CA ARG C 56 -9.44 17.33 30.42
C ARG C 56 -10.93 17.18 30.17
N PHE C 57 -11.39 16.08 29.59
CA PHE C 57 -12.77 15.94 29.16
C PHE C 57 -13.34 14.60 29.63
N THR C 58 -14.66 14.54 29.74
CA THR C 58 -15.34 13.25 29.72
C THR C 58 -15.43 12.83 28.26
N VAL C 59 -14.92 11.64 27.93
CA VAL C 59 -14.84 11.18 26.55
C VAL C 59 -15.76 9.99 26.38
N ILE C 60 -16.61 10.02 25.35
CA ILE C 60 -17.45 8.88 24.99
CA ILE C 60 -17.46 8.89 24.98
C ILE C 60 -17.24 8.57 23.51
N ALA C 61 -17.06 7.29 23.20
CA ALA C 61 -16.89 6.83 21.83
C ALA C 61 -17.87 5.70 21.58
N PRO C 62 -18.98 5.96 20.89
CA PRO C 62 -19.96 4.90 20.61
C PRO C 62 -19.62 4.13 19.34
N ASP C 63 -20.17 2.93 19.25
CA ASP C 63 -20.23 2.22 17.98
C ASP C 63 -21.50 2.65 17.25
N LEU C 64 -21.36 2.99 15.97
CA LEU C 64 -22.51 3.36 15.15
C LEU C 64 -23.52 2.22 15.12
N PRO C 65 -24.82 2.54 15.00
CA PRO C 65 -25.84 1.48 14.97
C PRO C 65 -25.51 0.41 13.94
N GLY C 66 -25.53 -0.85 14.40
CA GLY C 66 -25.27 -2.00 13.56
C GLY C 66 -23.82 -2.38 13.45
N LEU C 67 -22.90 -1.48 13.81
CA LEU C 67 -21.47 -1.71 13.73
C LEU C 67 -20.90 -1.92 15.12
N GLY C 68 -19.69 -2.49 15.17
CA GLY C 68 -19.12 -2.85 16.47
C GLY C 68 -20.10 -3.68 17.28
N GLN C 69 -20.35 -3.26 18.52
CA GLN C 69 -21.25 -3.98 19.41
C GLN C 69 -22.59 -3.27 19.61
N SER C 70 -22.95 -2.35 18.70
CA SER C 70 -24.25 -1.67 18.76
C SER C 70 -25.29 -2.37 17.90
N GLU C 71 -26.53 -2.41 18.40
CA GLU C 71 -27.65 -2.94 17.62
C GLU C 71 -27.96 -2.05 16.42
N PRO C 72 -28.52 -2.63 15.36
CA PRO C 72 -28.92 -1.84 14.20
C PRO C 72 -30.00 -0.84 14.56
N PRO C 73 -30.13 0.23 13.77
CA PRO C 73 -31.20 1.20 14.03
C PRO C 73 -32.55 0.58 13.74
N LYS C 74 -33.56 1.07 14.44
CA LYS C 74 -34.92 0.62 14.18
C LYS C 74 -35.65 1.49 13.19
N THR C 75 -35.23 2.75 13.03
CA THR C 75 -35.86 3.67 12.07
C THR C 75 -35.26 3.50 10.68
N GLY C 76 -33.98 3.80 10.53
CA GLY C 76 -33.31 3.66 9.26
C GLY C 76 -31.89 4.15 9.36
N TYR C 77 -31.20 4.16 8.22
CA TYR C 77 -29.77 4.47 8.16
C TYR C 77 -29.46 5.82 7.54
N SER C 78 -30.48 6.63 7.22
CA SER C 78 -30.18 7.97 6.73
C SER C 78 -29.56 8.82 7.84
N GLY C 79 -28.86 9.87 7.42
CA GLY C 79 -28.15 10.72 8.38
C GLY C 79 -29.06 11.26 9.46
N GLU C 80 -30.25 11.74 9.07
CA GLU C 80 -31.15 12.35 10.04
C GLU C 80 -31.70 11.31 11.02
N GLN C 81 -31.95 10.08 10.55
CA GLN C 81 -32.43 9.04 11.45
C GLN C 81 -31.35 8.62 12.44
N VAL C 82 -30.13 8.37 11.94
CA VAL C 82 -29.08 7.89 12.84
C VAL C 82 -28.66 8.99 13.80
N ALA C 83 -28.67 10.25 13.36
CA ALA C 83 -28.25 11.34 14.24
C ALA C 83 -29.11 11.44 15.48
N VAL C 84 -30.39 11.07 15.40
CA VAL C 84 -31.24 11.10 16.59
C VAL C 84 -30.64 10.22 17.69
N TYR C 85 -30.20 9.01 17.32
CA TYR C 85 -29.64 8.11 18.33
C TYR C 85 -28.40 8.72 18.97
N LEU C 86 -27.52 9.31 18.16
CA LEU C 86 -26.27 9.83 18.68
C LEU C 86 -26.49 11.09 19.51
N HIS C 87 -27.43 11.94 19.10
CA HIS C 87 -27.73 13.14 19.87
C HIS C 87 -28.32 12.78 21.24
N LYS C 88 -29.29 11.85 21.25
CA LYS C 88 -29.90 11.43 22.51
C LYS C 88 -28.88 10.76 23.42
N LEU C 89 -27.99 9.93 22.86
CA LEU C 89 -26.95 9.30 23.68
C LEU C 89 -26.09 10.35 24.36
N ALA C 90 -25.58 11.31 23.60
CA ALA C 90 -24.74 12.34 24.18
C ALA C 90 -25.49 13.12 25.25
N ARG C 91 -26.75 13.46 24.98
CA ARG C 91 -27.49 14.28 25.93
C ARG C 91 -27.82 13.55 27.22
N GLN C 92 -27.72 12.22 27.25
CA GLN C 92 -27.91 11.54 28.52
CA GLN C 92 -27.88 11.49 28.50
C GLN C 92 -26.74 11.78 29.45
N PHE C 93 -25.54 12.00 28.91
CA PHE C 93 -24.36 12.26 29.72
C PHE C 93 -24.05 13.75 29.87
N SER C 94 -24.64 14.59 29.03
CA SER C 94 -24.50 16.05 29.13
C SER C 94 -25.86 16.69 28.90
N PRO C 95 -26.78 16.50 29.85
CA PRO C 95 -28.16 17.01 29.64
C PRO C 95 -28.29 18.52 29.78
N ASP C 96 -27.38 19.19 30.48
CA ASP C 96 -27.53 20.61 30.78
C ASP C 96 -26.36 21.45 30.30
N ARG C 97 -25.50 20.91 29.44
CA ARG C 97 -24.33 21.62 28.93
C ARG C 97 -24.10 21.20 27.49
N PRO C 98 -23.62 22.11 26.64
CA PRO C 98 -23.21 21.72 25.30
C PRO C 98 -22.05 20.74 25.37
N PHE C 99 -21.92 19.91 24.35
CA PHE C 99 -20.81 18.97 24.25
C PHE C 99 -20.04 19.18 22.95
N ASP C 100 -18.83 18.62 22.90
CA ASP C 100 -17.99 18.68 21.70
C ASP C 100 -18.17 17.42 20.86
N LEU C 101 -17.93 17.55 19.56
CA LEU C 101 -18.12 16.44 18.64
C LEU C 101 -16.92 16.29 17.71
N VAL C 102 -16.41 15.07 17.61
CA VAL C 102 -15.37 14.73 16.64
C VAL C 102 -15.88 13.56 15.80
N ALA C 103 -15.79 13.66 14.47
CA ALA C 103 -16.34 12.60 13.64
C ALA C 103 -15.47 12.38 12.41
N HIS C 104 -15.38 11.12 11.99
CA HIS C 104 -14.53 10.65 10.89
C HIS C 104 -15.40 9.89 9.90
N ASP C 105 -15.28 10.19 8.61
CA ASP C 105 -15.90 9.37 7.55
C ASP C 105 -17.42 9.41 7.75
N ILE C 106 -18.12 8.27 7.74
CA ILE C 106 -19.58 8.34 7.82
C ILE C 106 -20.05 8.80 9.18
N GLY C 107 -19.15 8.91 10.16
CA GLY C 107 -19.50 9.63 11.37
C GLY C 107 -19.97 11.05 11.11
N ILE C 108 -19.46 11.68 10.03
CA ILE C 108 -19.95 12.99 9.62
C ILE C 108 -21.40 12.90 9.15
N TRP C 109 -21.68 11.92 8.29
CA TRP C 109 -23.02 11.78 7.73
C TRP C 109 -24.04 11.60 8.84
N ASN C 110 -23.67 10.85 9.88
CA ASN C 110 -24.57 10.47 10.95
C ASN C 110 -24.62 11.47 12.09
N THR C 111 -23.94 12.62 11.96
CA THR C 111 -23.99 13.62 13.02
C THR C 111 -24.39 14.99 12.49
N TYR C 112 -24.08 15.29 11.22
CA TYR C 112 -24.39 16.63 10.71
C TYR C 112 -25.85 17.04 10.96
N PRO C 113 -26.87 16.20 10.71
CA PRO C 113 -28.24 16.66 10.97
C PRO C 113 -28.51 17.05 12.40
N MET C 114 -27.96 16.34 13.38
CA MET C 114 -28.26 16.73 14.75
C MET C 114 -27.47 17.96 15.17
N VAL C 115 -26.32 18.21 14.54
CA VAL C 115 -25.58 19.46 14.80
C VAL C 115 -26.38 20.67 14.30
N VAL C 116 -26.85 20.61 13.06
CA VAL C 116 -27.54 21.78 12.51
C VAL C 116 -28.92 21.97 13.15
N LYS C 117 -29.56 20.89 13.61
CA LYS C 117 -30.86 21.02 14.26
C LYS C 117 -30.78 21.34 15.75
N ASN C 118 -29.62 21.18 16.37
CA ASN C 118 -29.48 21.41 17.81
C ASN C 118 -28.19 22.20 18.08
N GLN C 119 -28.04 23.35 17.41
CA GLN C 119 -26.74 24.03 17.43
C GLN C 119 -26.32 24.44 18.84
N ALA C 120 -27.27 24.82 19.69
CA ALA C 120 -26.95 25.21 21.05
C ALA C 120 -26.35 24.07 21.87
N ASP C 121 -26.55 22.82 21.44
CA ASP C 121 -26.03 21.66 22.16
C ASP C 121 -24.58 21.33 21.80
N ILE C 122 -24.03 21.94 20.75
CA ILE C 122 -22.70 21.59 20.23
C ILE C 122 -21.75 22.75 20.50
N ALA C 123 -20.79 22.54 21.41
CA ALA C 123 -19.85 23.60 21.73
C ALA C 123 -18.83 23.81 20.60
N ARG C 124 -18.16 22.73 20.19
CA ARG C 124 -17.11 22.77 19.17
C ARG C 124 -17.18 21.49 18.34
N LEU C 125 -16.77 21.60 17.07
CA LEU C 125 -16.98 20.54 16.09
C LEU C 125 -15.70 20.27 15.30
N VAL C 126 -15.35 18.99 15.16
CA VAL C 126 -14.20 18.56 14.35
C VAL C 126 -14.68 17.46 13.39
N TYR C 127 -14.52 17.70 12.10
CA TYR C 127 -14.90 16.75 11.06
C TYR C 127 -13.68 16.38 10.24
N MET C 128 -13.54 15.09 9.91
CA MET C 128 -12.40 14.68 9.11
C MET C 128 -12.75 13.59 8.10
N GLN C 129 -12.25 13.74 6.87
CA GLN C 129 -12.20 12.69 5.85
C GLN C 129 -13.57 12.12 5.49
N ALA C 130 -14.49 13.01 5.09
CA ALA C 130 -15.66 12.62 4.30
C ALA C 130 -16.42 13.85 3.89
N PRO C 131 -17.06 13.84 2.72
CA PRO C 131 -17.97 14.94 2.37
C PRO C 131 -19.22 14.88 3.22
N ILE C 132 -19.69 16.04 3.64
CA ILE C 132 -21.10 16.11 4.06
C ILE C 132 -21.95 15.73 2.88
N PRO C 133 -22.94 14.84 3.02
CA PRO C 133 -23.71 14.43 1.84
C PRO C 133 -24.45 15.60 1.22
N ASP C 134 -24.05 15.95 0.00
CA ASP C 134 -24.77 16.95 -0.79
C ASP C 134 -24.45 16.68 -2.26
N ALA C 135 -24.90 17.58 -3.13
CA ALA C 135 -24.79 17.32 -4.58
C ALA C 135 -23.34 17.29 -5.05
N ARG C 136 -22.39 17.77 -4.24
CA ARG C 136 -20.99 17.71 -4.63
C ARG C 136 -20.52 16.28 -4.84
N ILE C 137 -21.14 15.32 -4.15
CA ILE C 137 -20.66 13.94 -4.27
C ILE C 137 -20.97 13.36 -5.64
N TYR C 138 -21.91 13.94 -6.38
CA TYR C 138 -22.18 13.47 -7.73
C TYR C 138 -21.15 13.95 -8.74
N ARG C 139 -20.16 14.73 -8.32
CA ARG C 139 -19.15 15.25 -9.23
C ARG C 139 -17.82 14.51 -9.13
N PHE C 140 -17.66 13.64 -8.15
CA PHE C 140 -16.44 12.86 -8.06
CA PHE C 140 -16.44 12.85 -8.05
C PHE C 140 -16.35 11.88 -9.22
N PRO C 141 -15.15 11.66 -9.77
CA PRO C 141 -15.02 10.78 -10.93
C PRO C 141 -15.04 9.29 -10.58
N ALA C 142 -15.58 8.51 -11.51
CA ALA C 142 -15.58 7.05 -11.39
C ALA C 142 -14.18 6.46 -11.58
N PHE C 143 -13.31 7.14 -12.32
CA PHE C 143 -12.02 6.58 -12.73
C PHE C 143 -11.05 7.71 -12.96
N THR C 144 -9.78 7.52 -12.57
CA THR C 144 -8.78 8.59 -12.63
C THR C 144 -7.56 8.18 -13.43
N ALA C 145 -6.77 9.18 -13.83
N ALA C 145 -6.85 9.19 -13.94
CA ALA C 145 -5.54 8.91 -14.57
CA ALA C 145 -5.66 8.98 -14.75
C ALA C 145 -4.53 8.11 -13.76
C ALA C 145 -4.45 8.61 -13.90
N GLN C 146 -4.60 8.17 -12.43
N GLN C 146 -4.45 9.00 -12.62
CA GLN C 146 -3.79 7.28 -11.61
CA GLN C 146 -3.39 8.67 -11.68
C GLN C 146 -4.35 5.87 -11.55
C GLN C 146 -4.03 8.35 -10.34
N GLY C 147 -5.65 5.72 -11.84
N GLY C 147 -3.40 7.44 -9.59
CA GLY C 147 -6.34 4.46 -11.67
CA GLY C 147 -4.02 7.00 -8.35
C GLY C 147 -7.63 4.64 -10.91
C GLY C 147 -5.31 6.26 -8.66
N GLU C 148 -7.91 3.72 -9.98
N GLU C 148 -6.17 6.18 -7.64
CA GLU C 148 -9.18 3.76 -9.26
CA GLU C 148 -7.45 5.50 -7.78
C GLU C 148 -9.33 5.05 -8.45
C GLU C 148 -8.58 6.43 -7.37
N SER C 149 -10.57 5.51 -8.32
N SER C 149 -9.69 6.32 -8.10
CA SER C 149 -10.90 6.78 -7.69
CA SER C 149 -10.94 6.95 -7.72
C SER C 149 -11.13 6.63 -6.19
C SER C 149 -11.26 6.67 -6.27
N LEU C 150 -11.33 7.77 -5.49
CA LEU C 150 -11.51 7.68 -4.04
C LEU C 150 -12.85 7.07 -3.67
N VAL C 151 -13.90 7.28 -4.47
CA VAL C 151 -15.24 7.02 -3.97
C VAL C 151 -16.07 6.15 -4.90
N TRP C 152 -15.42 5.33 -5.73
CA TRP C 152 -16.22 4.36 -6.47
C TRP C 152 -16.94 3.39 -5.55
N HIS C 153 -16.45 3.20 -4.31
CA HIS C 153 -17.14 2.37 -3.35
C HIS C 153 -18.53 2.91 -3.00
N PHE C 154 -18.79 4.22 -3.19
CA PHE C 154 -20.16 4.71 -3.00
C PHE C 154 -21.15 3.90 -3.83
N SER C 155 -20.83 3.68 -5.11
CA SER C 155 -21.73 2.93 -5.99
C SER C 155 -21.74 1.44 -5.64
N PHE C 156 -20.57 0.86 -5.38
CA PHE C 156 -20.48 -0.55 -5.01
C PHE C 156 -21.35 -0.85 -3.79
N PHE C 157 -21.20 -0.03 -2.75
CA PHE C 157 -21.89 -0.29 -1.49
C PHE C 157 -23.38 0.03 -1.59
N ALA C 158 -23.76 0.98 -2.45
CA ALA C 158 -25.17 1.35 -2.60
C ALA C 158 -25.93 0.48 -3.59
N ALA C 159 -25.24 -0.36 -4.37
CA ALA C 159 -25.90 -1.18 -5.39
C ALA C 159 -26.97 -2.08 -4.78
N ASP C 160 -28.06 -2.30 -5.51
CA ASP C 160 -29.14 -3.11 -4.94
C ASP C 160 -28.79 -4.60 -5.08
N ASP C 161 -29.74 -5.47 -4.76
CA ASP C 161 -29.54 -6.93 -4.75
C ASP C 161 -28.48 -7.35 -3.76
N ARG C 162 -28.19 -6.54 -2.74
CA ARG C 162 -27.17 -6.85 -1.75
C ARG C 162 -25.86 -7.25 -2.42
N LEU C 163 -25.51 -6.53 -3.49
CA LEU C 163 -24.33 -6.87 -4.27
C LEU C 163 -23.08 -6.96 -3.40
N ALA C 164 -22.81 -5.93 -2.59
CA ALA C 164 -21.56 -5.87 -1.85
C ALA C 164 -21.50 -6.95 -0.78
N GLU C 165 -22.58 -7.14 -0.01
CA GLU C 165 -22.57 -8.21 0.99
C GLU C 165 -22.39 -9.57 0.35
N THR C 166 -23.06 -9.79 -0.79
CA THR C 166 -23.02 -11.11 -1.40
C THR C 166 -21.62 -11.42 -1.92
N LEU C 167 -20.92 -10.42 -2.45
CA LEU C 167 -19.57 -10.64 -2.95
C LEU C 167 -18.55 -10.70 -1.82
N ILE C 168 -18.74 -9.90 -0.76
CA ILE C 168 -17.72 -9.83 0.28
C ILE C 168 -17.88 -10.91 1.35
N ALA C 169 -19.08 -11.47 1.52
CA ALA C 169 -19.26 -12.53 2.51
C ALA C 169 -18.27 -13.66 2.28
N GLY C 170 -17.61 -14.09 3.35
CA GLY C 170 -16.57 -15.09 3.25
C GLY C 170 -15.21 -14.57 2.86
N LYS C 171 -15.11 -13.30 2.43
CA LYS C 171 -13.87 -12.66 2.02
C LYS C 171 -13.67 -11.36 2.78
N GLU C 172 -14.23 -11.25 3.99
CA GLU C 172 -14.30 -9.96 4.67
C GLU C 172 -12.93 -9.48 5.08
N ARG C 173 -12.08 -10.38 5.56
CA ARG C 173 -10.74 -9.99 6.00
C ARG C 173 -9.89 -9.54 4.81
N PHE C 174 -9.97 -10.27 3.70
CA PHE C 174 -9.31 -9.84 2.46
C PHE C 174 -9.79 -8.46 2.02
N PHE C 175 -11.11 -8.28 1.94
CA PHE C 175 -11.61 -7.02 1.41
C PHE C 175 -11.19 -5.85 2.28
N LEU C 176 -11.27 -6.00 3.60
CA LEU C 176 -11.03 -4.85 4.45
C LEU C 176 -9.57 -4.43 4.39
N GLU C 177 -8.65 -5.41 4.29
CA GLU C 177 -7.25 -5.02 4.14
C GLU C 177 -7.03 -4.24 2.85
N HIS C 178 -7.65 -4.68 1.76
CA HIS C 178 -7.52 -3.94 0.51
C HIS C 178 -8.12 -2.55 0.62
N PHE C 179 -9.34 -2.45 1.17
CA PHE C 179 -10.01 -1.15 1.26
C PHE C 179 -9.21 -0.18 2.12
N ILE C 180 -8.75 -0.64 3.29
CA ILE C 180 -8.01 0.27 4.17
C ILE C 180 -6.69 0.69 3.50
N LYS C 181 -5.91 -0.28 3.04
CA LYS C 181 -4.59 0.08 2.53
C LYS C 181 -4.71 0.92 1.24
N SER C 182 -5.70 0.63 0.39
CA SER C 182 -5.87 1.42 -0.83
CA SER C 182 -5.87 1.42 -0.83
C SER C 182 -6.24 2.86 -0.55
N HIS C 183 -6.76 3.15 0.65
CA HIS C 183 -7.12 4.51 1.03
C HIS C 183 -6.11 5.11 2.00
N ALA C 184 -4.91 4.52 2.11
CA ALA C 184 -3.91 5.00 3.04
C ALA C 184 -2.66 5.49 2.31
N SER C 185 -1.96 6.40 2.97
CA SER C 185 -0.59 6.81 2.63
C SER C 185 0.44 6.02 3.43
N ASN C 186 0.26 6.02 4.75
CA ASN C 186 1.14 5.32 5.69
CA ASN C 186 1.16 5.30 5.67
C ASN C 186 0.53 3.95 5.95
N THR C 187 0.72 3.04 4.98
CA THR C 187 0.05 1.74 5.09
C THR C 187 0.63 0.87 6.18
N GLU C 188 1.87 1.12 6.60
CA GLU C 188 2.52 0.17 7.48
CA GLU C 188 2.56 0.20 7.49
C GLU C 188 1.93 0.15 8.88
N VAL C 189 1.07 1.10 9.23
CA VAL C 189 0.44 1.06 10.56
C VAL C 189 -0.65 0.02 10.66
N PHE C 190 -1.12 -0.51 9.52
CA PHE C 190 -2.19 -1.51 9.53
C PHE C 190 -1.55 -2.89 9.54
N SER C 191 -1.07 -3.27 10.73
CA SER C 191 -0.54 -4.59 10.96
C SER C 191 -1.62 -5.64 10.74
N GLU C 192 -1.17 -6.88 10.48
CA GLU C 192 -2.11 -7.98 10.34
C GLU C 192 -2.95 -8.15 11.59
N ARG C 193 -2.36 -7.91 12.76
CA ARG C 193 -3.08 -8.02 14.03
C ARG C 193 -4.23 -7.01 14.11
N LEU C 194 -3.94 -5.74 13.78
CA LEU C 194 -4.97 -4.72 13.82
C LEU C 194 -6.06 -5.00 12.79
N LEU C 195 -5.65 -5.43 11.59
CA LEU C 195 -6.63 -5.76 10.56
C LEU C 195 -7.50 -6.93 10.99
N ASP C 196 -6.92 -7.93 11.67
CA ASP C 196 -7.71 -9.03 12.22
C ASP C 196 -8.83 -8.52 13.13
N LEU C 197 -8.50 -7.55 14.00
CA LEU C 197 -9.50 -7.05 14.95
C LEU C 197 -10.64 -6.34 14.24
N TYR C 198 -10.32 -5.47 13.29
CA TYR C 198 -11.38 -4.77 12.58
C TYR C 198 -12.19 -5.72 11.72
N ALA C 199 -11.53 -6.71 11.08
CA ALA C 199 -12.26 -7.60 10.19
C ALA C 199 -13.24 -8.48 10.96
N ARG C 200 -12.83 -8.97 12.15
CA ARG C 200 -13.73 -9.83 12.92
C ARG C 200 -15.01 -9.10 13.29
N SER C 201 -14.90 -7.79 13.56
CA SER C 201 -16.07 -7.02 13.98
C SER C 201 -17.02 -6.80 12.80
N TYR C 202 -16.50 -6.30 11.67
CA TYR C 202 -17.46 -5.98 10.61
C TYR C 202 -17.91 -7.20 9.82
N ALA C 203 -17.28 -8.36 10.02
CA ALA C 203 -17.72 -9.59 9.37
C ALA C 203 -18.94 -10.22 10.03
N LYS C 204 -19.34 -9.76 11.22
CA LYS C 204 -20.61 -10.21 11.77
C LYS C 204 -21.69 -9.92 10.73
N PRO C 205 -22.52 -10.90 10.37
CA PRO C 205 -23.45 -10.70 9.25
C PRO C 205 -24.28 -9.42 9.35
N HIS C 206 -24.85 -9.11 10.53
CA HIS C 206 -25.64 -7.89 10.62
C HIS C 206 -24.76 -6.64 10.51
N SER C 207 -23.47 -6.72 10.86
CA SER C 207 -22.59 -5.56 10.72
C SER C 207 -22.14 -5.36 9.28
N LEU C 208 -21.87 -6.45 8.57
CA LEU C 208 -21.57 -6.33 7.14
C LEU C 208 -22.74 -5.66 6.41
N ASN C 209 -23.96 -6.11 6.69
CA ASN C 209 -25.11 -5.49 6.06
C ASN C 209 -25.27 -4.04 6.51
N ALA C 210 -25.18 -3.78 7.82
CA ALA C 210 -25.34 -2.41 8.31
C ALA C 210 -24.36 -1.47 7.65
N SER C 211 -23.10 -1.91 7.50
CA SER C 211 -22.07 -1.08 6.87
C SER C 211 -22.56 -0.50 5.55
N PHE C 212 -23.18 -1.34 4.72
CA PHE C 212 -23.57 -0.90 3.40
C PHE C 212 -24.92 -0.20 3.39
N GLU C 213 -25.76 -0.44 4.41
CA GLU C 213 -27.02 0.29 4.47
C GLU C 213 -26.79 1.78 4.61
N TYR C 214 -25.67 2.20 5.25
CA TYR C 214 -25.36 3.63 5.32
C TYR C 214 -25.21 4.22 3.93
N TYR C 215 -24.61 3.46 3.00
CA TYR C 215 -24.44 3.93 1.64
C TYR C 215 -25.73 3.84 0.83
N ARG C 216 -26.55 2.82 1.09
CA ARG C 216 -27.85 2.72 0.43
C ARG C 216 -28.78 3.86 0.83
N ALA C 217 -28.53 4.51 1.97
CA ALA C 217 -29.30 5.66 2.39
C ALA C 217 -28.66 6.99 2.02
N LEU C 218 -27.52 6.97 1.32
CA LEU C 218 -26.76 8.21 1.09
C LEU C 218 -27.56 9.23 0.28
N ASN C 219 -28.29 8.77 -0.76
CA ASN C 219 -29.05 9.74 -1.54
C ASN C 219 -30.19 10.34 -0.74
N GLU C 220 -30.81 9.56 0.14
CA GLU C 220 -31.79 10.13 1.06
C GLU C 220 -31.14 11.16 1.98
N SER C 221 -29.92 10.88 2.44
CA SER C 221 -29.20 11.83 3.28
C SER C 221 -28.91 13.12 2.51
N VAL C 222 -28.53 13.00 1.23
CA VAL C 222 -28.36 14.20 0.40
C VAL C 222 -29.65 15.02 0.37
N ARG C 223 -30.79 14.35 0.14
CA ARG C 223 -32.05 15.08 0.04
C ARG C 223 -32.42 15.74 1.36
N GLN C 224 -32.16 15.06 2.48
CA GLN C 224 -32.37 15.65 3.80
C GLN C 224 -31.53 16.90 3.98
N ASN C 225 -30.24 16.81 3.64
CA ASN C 225 -29.33 17.91 3.93
C ASN C 225 -29.59 19.11 3.06
N ALA C 226 -30.22 18.92 1.90
CA ALA C 226 -30.56 20.05 1.04
C ALA C 226 -31.53 21.00 1.74
N GLU C 227 -32.37 20.47 2.63
CA GLU C 227 -33.23 21.33 3.43
C GLU C 227 -32.49 21.86 4.66
N LEU C 228 -31.73 20.99 5.34
CA LEU C 228 -31.10 21.40 6.59
C LEU C 228 -30.06 22.50 6.37
N ALA C 229 -29.33 22.46 5.25
CA ALA C 229 -28.20 23.34 5.03
C ALA C 229 -28.61 24.78 4.73
N LYS C 230 -29.90 25.09 4.74
CA LYS C 230 -30.34 26.48 4.62
C LYS C 230 -29.97 27.32 5.84
N THR C 231 -29.47 26.69 6.90
CA THR C 231 -28.97 27.36 8.09
C THR C 231 -27.51 26.97 8.26
N ARG C 232 -26.62 27.96 8.27
CA ARG C 232 -25.20 27.67 8.46
C ARG C 232 -24.89 27.36 9.92
N LEU C 233 -23.84 26.57 10.12
CA LEU C 233 -23.38 26.25 11.47
C LEU C 233 -22.67 27.45 12.09
N GLN C 234 -22.92 27.67 13.38
CA GLN C 234 -22.46 28.88 14.05
C GLN C 234 -21.33 28.63 15.05
N MET C 235 -21.05 27.38 15.40
CA MET C 235 -20.05 27.11 16.43
C MET C 235 -18.68 26.95 15.81
N PRO C 236 -17.61 27.09 16.60
CA PRO C 236 -16.26 26.87 16.06
C PRO C 236 -16.11 25.46 15.50
N THR C 237 -15.58 25.38 14.28
CA THR C 237 -15.42 24.11 13.57
CA THR C 237 -15.39 24.09 13.63
C THR C 237 -13.98 23.99 13.06
N MET C 238 -13.48 22.77 13.04
CA MET C 238 -12.18 22.45 12.45
C MET C 238 -12.34 21.26 11.52
N THR C 239 -11.76 21.32 10.33
CA THR C 239 -11.73 20.17 9.44
C THR C 239 -10.30 19.65 9.35
N LEU C 240 -10.17 18.33 9.25
CA LEU C 240 -8.88 17.71 8.95
C LEU C 240 -9.02 16.80 7.74
N ALA C 241 -7.97 16.76 6.93
CA ALA C 241 -7.95 15.90 5.75
C ALA C 241 -6.51 15.44 5.53
N GLY C 242 -6.36 14.24 4.98
CA GLY C 242 -5.04 13.81 4.54
C GLY C 242 -4.65 14.47 3.23
N GLY C 243 -3.35 14.70 3.06
CA GLY C 243 -2.81 15.23 1.82
C GLY C 243 -2.16 14.17 0.96
N GLY C 244 -2.01 12.97 1.51
CA GLY C 244 -1.44 11.86 0.81
C GLY C 244 -2.48 11.00 0.11
N HIS C 245 -2.03 9.83 -0.35
CA HIS C 245 -2.90 8.87 -1.04
C HIS C 245 -4.10 8.51 -0.17
N GLY C 246 -5.30 8.69 -0.73
CA GLY C 246 -6.51 8.45 0.03
C GLY C 246 -7.06 9.67 0.74
N GLY C 247 -6.33 10.78 0.74
CA GLY C 247 -6.79 11.95 1.44
C GLY C 247 -7.73 12.79 0.59
N MET C 248 -8.61 13.53 1.28
CA MET C 248 -9.55 14.43 0.62
CA MET C 248 -9.54 14.42 0.60
C MET C 248 -8.91 15.76 0.23
N GLY C 249 -7.72 16.05 0.74
CA GLY C 249 -7.05 17.28 0.40
C GLY C 249 -7.89 18.50 0.74
N THR C 250 -7.87 19.47 -0.17
CA THR C 250 -8.53 20.75 0.10
C THR C 250 -10.06 20.65 0.07
N PHE C 251 -10.63 19.55 -0.41
CA PHE C 251 -12.08 19.47 -0.51
C PHE C 251 -12.75 19.62 0.84
N GLN C 252 -12.16 19.02 1.88
CA GLN C 252 -12.81 18.99 3.18
C GLN C 252 -13.10 20.41 3.67
N LEU C 253 -12.08 21.28 3.65
CA LEU C 253 -12.29 22.65 4.13
C LEU C 253 -13.15 23.45 3.17
N GLU C 254 -12.92 23.29 1.87
CA GLU C 254 -13.66 24.13 0.91
C GLU C 254 -15.16 23.85 0.96
N GLN C 255 -15.54 22.58 1.13
CA GLN C 255 -16.96 22.27 1.33
C GLN C 255 -17.47 22.84 2.65
N MET C 256 -16.69 22.70 3.72
CA MET C 256 -17.16 23.14 5.03
C MET C 256 -17.38 24.65 5.08
N LYS C 257 -16.63 25.42 4.30
CA LYS C 257 -16.88 26.87 4.26
C LYS C 257 -18.28 27.22 3.79
N ALA C 258 -18.90 26.33 2.99
CA ALA C 258 -20.27 26.57 2.58
C ALA C 258 -21.27 26.25 3.68
N TYR C 259 -20.84 25.51 4.71
CA TYR C 259 -21.71 25.07 5.80
C TYR C 259 -21.49 25.80 7.11
N ALA C 260 -20.33 26.44 7.31
CA ALA C 260 -19.94 26.93 8.62
C ALA C 260 -19.44 28.36 8.55
N GLU C 261 -19.82 29.17 9.54
CA GLU C 261 -19.34 30.54 9.60
C GLU C 261 -17.93 30.63 10.16
N ASP C 262 -17.55 29.73 11.06
CA ASP C 262 -16.30 29.81 11.82
C ASP C 262 -15.58 28.48 11.62
N VAL C 263 -14.68 28.41 10.64
CA VAL C 263 -14.02 27.16 10.31
C VAL C 263 -12.54 27.38 10.02
N GLU C 264 -11.71 26.48 10.55
CA GLU C 264 -10.31 26.39 10.20
C GLU C 264 -10.05 24.98 9.71
N GLY C 265 -9.14 24.84 8.75
CA GLY C 265 -8.88 23.55 8.14
C GLY C 265 -7.40 23.26 8.07
N HIS C 266 -7.08 21.96 8.10
CA HIS C 266 -5.71 21.49 7.97
C HIS C 266 -5.66 20.30 7.03
N VAL C 267 -4.63 20.27 6.20
CA VAL C 267 -4.33 19.12 5.35
C VAL C 267 -3.01 18.55 5.86
N LEU C 268 -3.02 17.27 6.24
CA LEU C 268 -1.86 16.64 6.86
C LEU C 268 -1.02 15.93 5.80
N PRO C 269 0.22 16.36 5.56
CA PRO C 269 1.04 15.72 4.51
C PRO C 269 1.41 14.29 4.86
N GLY C 270 1.48 13.44 3.83
CA GLY C 270 1.90 12.06 4.05
C GLY C 270 0.89 11.21 4.79
N CYS C 271 -0.36 11.63 4.81
CA CYS C 271 -1.43 10.97 5.53
C CYS C 271 -2.59 10.80 4.56
N GLY C 272 -3.20 9.61 4.56
CA GLY C 272 -4.38 9.36 3.73
C GLY C 272 -5.68 9.51 4.48
N HIS C 273 -6.52 8.48 4.39
CA HIS C 273 -7.86 8.53 4.97
C HIS C 273 -7.85 8.32 6.48
N TRP C 274 -6.95 7.50 7.00
CA TRP C 274 -7.09 6.93 8.34
C TRP C 274 -6.25 7.74 9.33
N LEU C 275 -6.65 9.00 9.51
CA LEU C 275 -5.78 9.95 10.20
C LEU C 275 -5.44 9.51 11.62
N PRO C 276 -6.36 8.99 12.45
CA PRO C 276 -5.98 8.64 13.83
C PRO C 276 -4.89 7.59 13.91
N GLU C 277 -4.75 6.75 12.90
CA GLU C 277 -3.76 5.68 12.90
C GLU C 277 -2.54 6.01 12.06
N GLU C 278 -2.74 6.62 10.89
CA GLU C 278 -1.61 6.95 10.02
C GLU C 278 -0.80 8.12 10.55
N CYS C 279 -1.45 9.06 11.22
CA CYS C 279 -0.80 10.29 11.62
C CYS C 279 -1.27 10.70 13.02
N ALA C 280 -1.09 9.77 13.97
CA ALA C 280 -1.61 9.96 15.31
C ALA C 280 -1.05 11.21 15.99
N ALA C 281 0.27 11.42 15.92
CA ALA C 281 0.85 12.55 16.65
C ALA C 281 0.30 13.89 16.17
N PRO C 282 0.37 14.24 14.88
CA PRO C 282 -0.15 15.56 14.51
C PRO C 282 -1.67 15.64 14.61
N MET C 283 -2.39 14.54 14.32
CA MET C 283 -3.85 14.63 14.41
C MET C 283 -4.30 14.81 15.84
N ASN C 284 -3.74 14.02 16.76
CA ASN C 284 -4.13 14.17 18.16
C ASN C 284 -3.83 15.56 18.67
N ARG C 285 -2.66 16.11 18.32
CA ARG C 285 -2.31 17.45 18.79
C ARG C 285 -3.29 18.48 18.27
N LEU C 286 -3.66 18.38 16.99
CA LEU C 286 -4.58 19.37 16.41
C LEU C 286 -5.93 19.33 17.12
N VAL C 287 -6.43 18.12 17.40
CA VAL C 287 -7.73 17.97 18.04
C VAL C 287 -7.68 18.45 19.48
N ILE C 288 -6.66 18.02 20.24
CA ILE C 288 -6.58 18.42 21.65
C ILE C 288 -6.47 19.94 21.76
N ASP C 289 -5.61 20.54 20.95
CA ASP C 289 -5.45 22.00 20.99
C ASP C 289 -6.75 22.71 20.64
N PHE C 290 -7.44 22.24 19.59
CA PHE C 290 -8.64 22.94 19.15
C PHE C 290 -9.75 22.84 20.19
N LEU C 291 -9.92 21.66 20.81
CA LEU C 291 -10.95 21.52 21.83
C LEU C 291 -10.58 22.22 23.13
N SER C 292 -9.29 22.35 23.43
CA SER C 292 -8.89 22.99 24.67
C SER C 292 -8.95 24.52 24.61
N ARG C 293 -9.34 25.08 23.48
CA ARG C 293 -9.58 26.53 23.42
C ARG C 293 -10.81 26.88 24.23
N ALA D 1 -16.22 -29.85 -27.44
CA ALA D 1 -17.41 -29.13 -26.99
C ALA D 1 -17.29 -27.64 -27.27
N GLU D 2 -18.43 -26.96 -27.34
CA GLU D 2 -18.50 -25.53 -27.57
C GLU D 2 -19.18 -24.86 -26.37
N GLU D 3 -18.70 -23.67 -26.01
CA GLU D 3 -19.34 -22.93 -24.93
C GLU D 3 -20.70 -22.38 -25.35
N PHE D 4 -20.91 -22.16 -26.65
CA PHE D 4 -22.14 -21.56 -27.14
C PHE D 4 -22.55 -22.23 -28.45
N PRO D 5 -23.85 -22.27 -28.74
CA PRO D 5 -24.33 -22.96 -29.95
C PRO D 5 -23.92 -22.22 -31.22
N VAL D 6 -23.35 -22.97 -32.15
CA VAL D 6 -22.90 -22.39 -33.43
C VAL D 6 -24.07 -22.38 -34.41
N PRO D 7 -24.37 -21.25 -35.05
CA PRO D 7 -25.47 -21.22 -36.03
C PRO D 7 -25.20 -22.15 -37.20
N ASN D 8 -26.29 -22.69 -37.76
CA ASN D 8 -26.14 -23.58 -38.90
C ASN D 8 -25.44 -22.86 -40.04
N GLY D 9 -24.54 -23.57 -40.71
CA GLY D 9 -23.77 -22.99 -41.79
C GLY D 9 -22.51 -22.27 -41.36
N PHE D 10 -22.24 -22.19 -40.07
CA PHE D 10 -21.03 -21.57 -39.56
C PHE D 10 -20.09 -22.64 -39.02
N GLU D 11 -18.80 -22.30 -38.96
CA GLU D 11 -17.81 -23.19 -38.38
C GLU D 11 -17.13 -22.52 -37.18
N SER D 12 -16.82 -23.33 -36.17
CA SER D 12 -16.00 -22.91 -35.05
C SER D 12 -14.59 -23.45 -35.27
N ALA D 13 -13.60 -22.58 -35.17
CA ALA D 13 -12.25 -22.97 -35.54
C ALA D 13 -11.24 -22.11 -34.78
N TYR D 14 -9.96 -22.38 -35.05
CA TYR D 14 -8.87 -21.71 -34.34
C TYR D 14 -7.76 -21.36 -35.32
N ARG D 15 -7.09 -20.25 -35.04
CA ARG D 15 -5.87 -19.88 -35.77
C ARG D 15 -4.83 -19.38 -34.78
N GLU D 16 -3.57 -19.74 -35.02
CA GLU D 16 -2.47 -19.15 -34.27
C GLU D 16 -2.13 -17.77 -34.84
N VAL D 17 -2.04 -16.78 -33.97
CA VAL D 17 -1.60 -15.44 -34.33
C VAL D 17 -0.52 -15.01 -33.35
N ASP D 18 0.70 -14.80 -33.85
CA ASP D 18 1.82 -14.43 -32.99
C ASP D 18 1.90 -15.33 -31.76
N GLY D 19 1.74 -16.63 -31.98
CA GLY D 19 1.88 -17.61 -30.92
C GLY D 19 0.68 -17.77 -30.00
N VAL D 20 -0.45 -17.13 -30.32
CA VAL D 20 -1.62 -17.15 -29.45
C VAL D 20 -2.75 -17.80 -30.22
N LYS D 21 -3.38 -18.81 -29.63
CA LYS D 21 -4.41 -19.59 -30.31
C LYS D 21 -5.75 -18.89 -30.13
N LEU D 22 -6.28 -18.30 -31.20
CA LEU D 22 -7.55 -17.59 -31.13
C LEU D 22 -8.69 -18.43 -31.65
N HIS D 23 -9.81 -18.39 -30.94
CA HIS D 23 -11.04 -19.03 -31.37
C HIS D 23 -11.88 -18.03 -32.15
N TYR D 24 -12.60 -18.54 -33.16
CA TYR D 24 -13.56 -17.69 -33.87
C TYR D 24 -14.66 -18.57 -34.46
N VAL D 25 -15.76 -17.92 -34.84
CA VAL D 25 -16.83 -18.56 -35.58
C VAL D 25 -16.98 -17.82 -36.89
N LYS D 26 -17.07 -18.57 -38.00
CA LYS D 26 -16.97 -18.00 -39.34
C LYS D 26 -18.02 -18.61 -40.26
N GLY D 27 -18.60 -17.76 -41.11
CA GLY D 27 -19.52 -18.25 -42.13
C GLY D 27 -19.74 -17.17 -43.17
N GLY D 28 -20.36 -17.57 -44.28
CA GLY D 28 -20.73 -16.64 -45.33
C GLY D 28 -19.72 -16.62 -46.46
N GLN D 29 -20.03 -15.76 -47.43
CA GLN D 29 -19.21 -15.56 -48.62
C GLN D 29 -19.25 -14.09 -48.98
N GLY D 30 -18.15 -13.60 -49.56
CA GLY D 30 -18.02 -12.22 -49.94
C GLY D 30 -16.97 -11.50 -49.11
N PRO D 31 -16.95 -10.17 -49.17
CA PRO D 31 -15.97 -9.41 -48.39
C PRO D 31 -16.13 -9.68 -46.90
N LEU D 32 -15.04 -9.47 -46.18
CA LEU D 32 -14.97 -9.85 -44.77
C LEU D 32 -15.50 -8.76 -43.86
N VAL D 33 -16.31 -9.17 -42.88
CA VAL D 33 -16.68 -8.33 -41.75
CA VAL D 33 -16.71 -8.33 -41.75
C VAL D 33 -16.27 -9.06 -40.48
N MET D 34 -15.49 -8.37 -39.64
CA MET D 34 -15.09 -8.92 -38.35
C MET D 34 -15.93 -8.26 -37.27
N LEU D 35 -16.54 -9.08 -36.42
CA LEU D 35 -17.37 -8.62 -35.31
C LEU D 35 -16.64 -8.93 -34.00
N VAL D 36 -16.47 -7.90 -33.14
CA VAL D 36 -15.65 -8.03 -31.93
C VAL D 36 -16.47 -7.68 -30.70
N HIS D 37 -16.67 -8.68 -29.84
CA HIS D 37 -17.49 -8.59 -28.63
C HIS D 37 -16.78 -7.79 -27.52
N GLY D 38 -17.50 -7.63 -26.41
CA GLY D 38 -16.99 -6.92 -25.25
C GLY D 38 -17.06 -7.68 -23.94
N PHE D 39 -16.93 -6.94 -22.83
CA PHE D 39 -16.85 -7.55 -21.51
C PHE D 39 -18.13 -8.29 -21.15
N GLY D 40 -17.97 -9.43 -20.47
CA GLY D 40 -19.07 -10.25 -20.01
C GLY D 40 -19.62 -11.19 -21.06
N GLN D 41 -19.12 -11.13 -22.28
CA GLN D 41 -19.69 -11.84 -23.42
C GLN D 41 -18.55 -12.46 -24.23
N THR D 42 -18.93 -13.01 -25.38
CA THR D 42 -18.04 -13.73 -26.29
C THR D 42 -18.55 -13.47 -27.70
N TRP D 43 -18.00 -14.21 -28.67
CA TRP D 43 -18.53 -14.16 -30.05
C TRP D 43 -20.04 -14.31 -30.09
N TYR D 44 -20.61 -15.04 -29.12
CA TYR D 44 -22.02 -15.40 -29.19
C TYR D 44 -22.95 -14.19 -29.14
N GLU D 45 -22.49 -13.04 -28.62
CA GLU D 45 -23.38 -11.90 -28.65
C GLU D 45 -23.77 -11.52 -30.07
N TRP D 46 -22.99 -11.93 -31.07
CA TRP D 46 -23.31 -11.64 -32.47
C TRP D 46 -24.14 -12.73 -33.17
N HIS D 47 -24.64 -13.73 -32.45
CA HIS D 47 -25.18 -14.91 -33.13
C HIS D 47 -26.48 -14.62 -33.87
N GLN D 48 -27.19 -13.53 -33.54
CA GLN D 48 -28.38 -13.19 -34.31
C GLN D 48 -28.07 -12.38 -35.55
N LEU D 49 -27.03 -11.54 -35.48
CA LEU D 49 -26.62 -10.76 -36.64
C LEU D 49 -25.91 -11.62 -37.68
N MET D 50 -25.13 -12.62 -37.22
CA MET D 50 -24.24 -13.36 -38.12
C MET D 50 -24.96 -14.03 -39.28
N PRO D 51 -26.06 -14.78 -39.09
CA PRO D 51 -26.71 -15.40 -40.26
C PRO D 51 -27.26 -14.41 -41.25
N GLU D 52 -27.73 -13.26 -40.80
CA GLU D 52 -28.27 -12.27 -41.74
C GLU D 52 -27.15 -11.59 -42.50
N LEU D 53 -26.06 -11.24 -41.79
CA LEU D 53 -24.90 -10.62 -42.44
C LEU D 53 -24.25 -11.56 -43.43
N ALA D 54 -24.23 -12.86 -43.11
CA ALA D 54 -23.55 -13.85 -43.95
C ALA D 54 -24.24 -14.07 -45.29
N LYS D 55 -25.42 -13.49 -45.50
CA LYS D 55 -26.05 -13.51 -46.82
C LYS D 55 -25.29 -12.65 -47.83
N ARG D 56 -24.54 -11.65 -47.37
CA ARG D 56 -23.82 -10.74 -48.24
C ARG D 56 -22.32 -10.66 -47.99
N PHE D 57 -21.84 -11.20 -46.86
CA PHE D 57 -20.45 -11.03 -46.45
C PHE D 57 -19.91 -12.35 -45.90
N THR D 58 -18.58 -12.46 -45.90
CA THR D 58 -17.93 -13.44 -45.04
C THR D 58 -17.86 -12.82 -43.64
N VAL D 59 -18.33 -13.55 -42.63
CA VAL D 59 -18.44 -13.02 -41.28
C VAL D 59 -17.53 -13.83 -40.36
N ILE D 60 -16.68 -13.14 -39.59
CA ILE D 60 -15.85 -13.79 -38.57
C ILE D 60 -16.07 -13.08 -37.24
N ALA D 61 -16.29 -13.86 -36.19
CA ALA D 61 -16.51 -13.35 -34.84
C ALA D 61 -15.51 -14.04 -33.91
N PRO D 62 -14.40 -13.38 -33.58
CA PRO D 62 -13.41 -14.00 -32.68
C PRO D 62 -13.78 -13.81 -31.22
N ASP D 63 -13.23 -14.69 -30.39
CA ASP D 63 -13.19 -14.45 -28.94
C ASP D 63 -11.95 -13.63 -28.62
N LEU D 64 -12.12 -12.56 -27.84
CA LEU D 64 -10.97 -11.74 -27.44
C LEU D 64 -9.96 -12.60 -26.68
N PRO D 65 -8.67 -12.29 -26.78
CA PRO D 65 -7.65 -13.07 -26.06
C PRO D 65 -8.01 -13.27 -24.60
N GLY D 66 -7.95 -14.51 -24.15
CA GLY D 66 -8.24 -14.86 -22.78
C GLY D 66 -9.72 -15.09 -22.48
N LEU D 67 -10.62 -14.59 -23.32
CA LEU D 67 -12.06 -14.77 -23.13
C LEU D 67 -12.59 -15.82 -24.10
N GLY D 68 -13.80 -16.27 -23.83
CA GLY D 68 -14.36 -17.38 -24.59
C GLY D 68 -13.38 -18.54 -24.64
N GLN D 69 -13.11 -19.02 -25.85
CA GLN D 69 -12.19 -20.13 -26.07
C GLN D 69 -10.84 -19.69 -26.63
N SER D 70 -10.51 -18.40 -26.53
CA SER D 70 -9.22 -17.88 -26.99
C SER D 70 -8.16 -17.89 -25.89
N GLU D 71 -6.93 -18.21 -26.28
CA GLU D 71 -5.80 -18.18 -25.36
C GLU D 71 -5.50 -16.74 -24.92
N PRO D 72 -5.01 -16.53 -23.70
CA PRO D 72 -4.63 -15.18 -23.28
C PRO D 72 -3.52 -14.65 -24.16
N PRO D 73 -3.40 -13.32 -24.27
CA PRO D 73 -2.32 -12.75 -25.06
C PRO D 73 -0.98 -13.00 -24.41
N LYS D 74 0.06 -12.98 -25.24
CA LYS D 74 1.41 -13.16 -24.74
C LYS D 74 2.17 -11.85 -24.60
N THR D 75 1.65 -10.78 -25.18
CA THR D 75 2.26 -9.44 -25.03
C THR D 75 1.63 -8.70 -23.87
N GLY D 76 0.34 -8.35 -24.00
CA GLY D 76 -0.32 -7.66 -22.92
C GLY D 76 -1.75 -7.37 -23.32
N TYR D 77 -2.47 -6.67 -22.43
CA TYR D 77 -3.89 -6.43 -22.62
C TYR D 77 -4.21 -4.99 -22.98
N SER D 78 -3.21 -4.16 -23.22
CA SER D 78 -3.48 -2.80 -23.67
C SER D 78 -4.05 -2.85 -25.08
N GLY D 79 -4.73 -1.75 -25.46
CA GLY D 79 -5.41 -1.73 -26.74
C GLY D 79 -4.48 -1.96 -27.91
N GLU D 80 -3.29 -1.35 -27.86
CA GLU D 80 -2.37 -1.49 -28.99
C GLU D 80 -1.84 -2.92 -29.11
N GLN D 81 -1.63 -3.58 -27.97
CA GLN D 81 -1.14 -4.96 -27.99
C GLN D 81 -2.21 -5.92 -28.49
N VAL D 82 -3.44 -5.79 -28.00
CA VAL D 82 -4.48 -6.72 -28.40
C VAL D 82 -4.86 -6.50 -29.87
N ALA D 83 -4.84 -5.23 -30.31
CA ALA D 83 -5.27 -4.94 -31.67
C ALA D 83 -4.38 -5.65 -32.69
N VAL D 84 -3.10 -5.88 -32.36
CA VAL D 84 -2.23 -6.64 -33.27
C VAL D 84 -2.84 -8.00 -33.57
N TYR D 85 -3.29 -8.71 -32.53
CA TYR D 85 -3.83 -10.06 -32.75
C TYR D 85 -5.06 -10.01 -33.64
N LEU D 86 -5.94 -9.05 -33.40
CA LEU D 86 -7.18 -8.99 -34.17
C LEU D 86 -6.91 -8.55 -35.61
N HIS D 87 -5.99 -7.61 -35.81
CA HIS D 87 -5.63 -7.20 -37.17
C HIS D 87 -5.05 -8.37 -37.97
N LYS D 88 -4.09 -9.09 -37.37
CA LYS D 88 -3.47 -10.18 -38.11
C LYS D 88 -4.45 -11.33 -38.35
N LEU D 89 -5.38 -11.57 -37.41
CA LEU D 89 -6.39 -12.60 -37.68
C LEU D 89 -7.24 -12.22 -38.88
N ALA D 90 -7.68 -10.97 -38.93
CA ALA D 90 -8.49 -10.53 -40.06
C ALA D 90 -7.73 -10.65 -41.37
N ARG D 91 -6.44 -10.25 -41.36
CA ARG D 91 -5.62 -10.31 -42.57
C ARG D 91 -5.37 -11.73 -43.05
N GLN D 92 -5.44 -12.74 -42.18
CA GLN D 92 -5.34 -14.12 -42.66
C GLN D 92 -6.50 -14.45 -43.58
N PHE D 93 -7.67 -13.88 -43.32
CA PHE D 93 -8.85 -14.21 -44.10
C PHE D 93 -9.17 -13.20 -45.19
N SER D 94 -8.64 -11.98 -45.10
CA SER D 94 -8.85 -10.95 -46.12
C SER D 94 -7.54 -10.30 -46.48
N PRO D 95 -6.58 -11.07 -47.03
CA PRO D 95 -5.26 -10.48 -47.33
C PRO D 95 -5.25 -9.52 -48.50
N ASP D 96 -6.24 -9.59 -49.41
CA ASP D 96 -6.19 -8.86 -50.67
C ASP D 96 -7.20 -7.74 -50.77
N ARG D 97 -7.99 -7.48 -49.75
CA ARG D 97 -8.93 -6.36 -49.82
C ARG D 97 -9.23 -5.88 -48.42
N PRO D 98 -9.67 -4.64 -48.27
CA PRO D 98 -10.03 -4.15 -46.94
C PRO D 98 -11.25 -4.87 -46.40
N PHE D 99 -11.33 -4.92 -45.07
CA PHE D 99 -12.42 -5.60 -44.40
C PHE D 99 -13.20 -4.60 -43.55
N ASP D 100 -14.43 -4.98 -43.19
CA ASP D 100 -15.26 -4.17 -42.31
C ASP D 100 -15.07 -4.61 -40.87
N LEU D 101 -15.29 -3.67 -39.95
CA LEU D 101 -15.11 -3.92 -38.53
C LEU D 101 -16.30 -3.40 -37.75
N VAL D 102 -16.87 -4.26 -36.90
CA VAL D 102 -17.96 -3.91 -36.01
C VAL D 102 -17.52 -4.29 -34.60
N ALA D 103 -17.63 -3.35 -33.65
CA ALA D 103 -17.15 -3.65 -32.31
C ALA D 103 -18.06 -3.04 -31.25
N HIS D 104 -18.18 -3.77 -30.13
CA HIS D 104 -19.04 -3.43 -29.01
C HIS D 104 -18.20 -3.38 -27.73
N ASP D 105 -18.42 -2.36 -26.91
CA ASP D 105 -17.82 -2.29 -25.55
C ASP D 105 -16.30 -2.34 -25.69
N ILE D 106 -15.58 -3.20 -24.95
CA ILE D 106 -14.12 -3.17 -25.02
C ILE D 106 -13.59 -3.72 -26.34
N GLY D 107 -14.46 -4.26 -27.20
CA GLY D 107 -14.04 -4.51 -28.57
C GLY D 107 -13.57 -3.26 -29.26
N ILE D 108 -14.12 -2.09 -28.89
CA ILE D 108 -13.63 -0.81 -29.39
C ILE D 108 -12.20 -0.56 -28.93
N TRP D 109 -11.96 -0.76 -27.62
CA TRP D 109 -10.63 -0.53 -27.05
C TRP D 109 -9.58 -1.36 -27.75
N ASN D 110 -9.94 -2.58 -28.11
CA ASN D 110 -9.03 -3.56 -28.64
C ASN D 110 -8.93 -3.51 -30.16
N THR D 111 -9.60 -2.57 -30.81
CA THR D 111 -9.51 -2.48 -32.27
C THR D 111 -9.08 -1.09 -32.74
N TYR D 112 -9.41 -0.04 -31.99
CA TYR D 112 -9.11 1.31 -32.47
C TYR D 112 -7.65 1.48 -32.89
N PRO D 113 -6.65 1.01 -32.14
CA PRO D 113 -5.26 1.20 -32.62
C PRO D 113 -4.98 0.56 -33.97
N MET D 114 -5.54 -0.64 -34.24
CA MET D 114 -5.34 -1.28 -35.54
C MET D 114 -5.99 -0.46 -36.65
N VAL D 115 -7.16 0.11 -36.35
CA VAL D 115 -7.89 0.86 -37.37
C VAL D 115 -7.12 2.11 -37.75
N VAL D 116 -6.63 2.86 -36.75
CA VAL D 116 -6.02 4.14 -37.08
C VAL D 116 -4.65 3.94 -37.71
N LYS D 117 -3.97 2.82 -37.40
CA LYS D 117 -2.65 2.55 -37.96
C LYS D 117 -2.67 1.80 -39.28
N ASN D 118 -3.80 1.23 -39.67
CA ASN D 118 -3.88 0.43 -40.90
C ASN D 118 -5.13 0.82 -41.68
N GLN D 119 -5.28 2.12 -41.97
CA GLN D 119 -6.56 2.61 -42.46
C GLN D 119 -6.89 2.04 -43.82
N ALA D 120 -5.88 1.75 -44.65
CA ALA D 120 -6.14 1.14 -45.95
C ALA D 120 -6.70 -0.27 -45.84
N ASP D 121 -6.61 -0.90 -44.67
CA ASP D 121 -7.13 -2.24 -44.47
C ASP D 121 -8.59 -2.26 -44.02
N ILE D 122 -9.18 -1.11 -43.72
CA ILE D 122 -10.50 -1.02 -43.10
C ILE D 122 -11.44 -0.31 -44.07
N ALA D 123 -12.46 -1.03 -44.55
CA ALA D 123 -13.38 -0.41 -45.49
C ALA D 123 -14.40 0.47 -44.77
N ARG D 124 -15.12 -0.10 -43.81
CA ARG D 124 -16.15 0.61 -43.04
C ARG D 124 -16.08 0.15 -41.60
N LEU D 125 -16.50 1.05 -40.69
CA LEU D 125 -16.31 0.89 -39.26
C LEU D 125 -17.62 1.14 -38.53
N VAL D 126 -17.97 0.26 -37.59
CA VAL D 126 -19.15 0.43 -36.75
C VAL D 126 -18.73 0.23 -35.31
N TYR D 127 -18.96 1.25 -34.47
CA TYR D 127 -18.61 1.20 -33.06
C TYR D 127 -19.85 1.43 -32.21
N MET D 128 -20.02 0.63 -31.15
CA MET D 128 -21.20 0.79 -30.29
C MET D 128 -20.87 0.59 -28.81
N GLN D 129 -21.35 1.51 -27.98
CA GLN D 129 -21.47 1.35 -26.52
C GLN D 129 -20.12 1.13 -25.83
N ALA D 130 -19.20 2.07 -26.06
CA ALA D 130 -18.04 2.28 -25.20
C ALA D 130 -17.28 3.50 -25.68
N PRO D 131 -16.71 4.28 -24.78
CA PRO D 131 -15.82 5.35 -25.22
C PRO D 131 -14.54 4.74 -25.81
N ILE D 132 -14.04 5.37 -26.87
CA ILE D 132 -12.62 5.16 -27.18
C ILE D 132 -11.81 5.62 -25.98
N PRO D 133 -10.83 4.84 -25.50
CA PRO D 133 -10.09 5.28 -24.30
C PRO D 133 -9.38 6.61 -24.53
N ASP D 134 -9.83 7.65 -23.84
CA ASP D 134 -9.19 8.96 -23.87
C ASP D 134 -9.61 9.71 -22.62
N ALA D 135 -9.18 10.98 -22.52
CA ALA D 135 -9.39 11.74 -21.28
C ALA D 135 -10.87 11.95 -20.95
N ARG D 136 -11.77 11.74 -21.92
CA ARG D 136 -13.20 11.89 -21.62
C ARG D 136 -13.67 10.89 -20.57
N ILE D 137 -13.00 9.73 -20.45
CA ILE D 137 -13.49 8.74 -19.50
C ILE D 137 -13.31 9.20 -18.06
N TYR D 138 -12.46 10.19 -17.82
CA TYR D 138 -12.20 10.68 -16.46
C TYR D 138 -13.30 11.61 -15.96
N ARG D 139 -14.31 11.88 -16.78
CA ARG D 139 -15.39 12.78 -16.40
C ARG D 139 -16.63 12.04 -15.91
N PHE D 140 -16.75 10.73 -16.18
CA PHE D 140 -17.93 10.00 -15.75
C PHE D 140 -18.01 9.97 -14.22
N PRO D 141 -19.19 10.12 -13.63
CA PRO D 141 -19.31 10.22 -12.18
C PRO D 141 -19.23 8.87 -11.46
N ALA D 142 -18.69 8.91 -10.24
CA ALA D 142 -18.58 7.71 -9.42
C ALA D 142 -19.93 7.27 -8.87
N PHE D 143 -20.86 8.20 -8.72
CA PHE D 143 -22.11 7.97 -7.99
C PHE D 143 -23.14 8.95 -8.51
N THR D 144 -24.41 8.55 -8.50
CA THR D 144 -25.47 9.38 -9.08
C THR D 144 -26.61 9.54 -8.09
N ALA D 145 -27.47 10.53 -8.34
CA ALA D 145 -28.62 10.77 -7.49
C ALA D 145 -29.66 9.65 -7.57
N GLN D 146 -29.55 8.74 -8.53
CA GLN D 146 -30.44 7.60 -8.62
C GLN D 146 -29.82 6.30 -8.12
N GLY D 147 -28.56 6.33 -7.68
CA GLY D 147 -27.89 5.15 -7.20
C GLY D 147 -26.59 4.87 -7.93
N GLU D 148 -26.24 3.60 -8.08
CA GLU D 148 -24.94 3.27 -8.68
C GLU D 148 -24.85 3.81 -10.10
N SER D 149 -23.64 4.21 -10.47
CA SER D 149 -23.33 4.80 -11.77
C SER D 149 -23.01 3.73 -12.80
N LEU D 150 -22.90 4.16 -14.05
CA LEU D 150 -22.63 3.21 -15.13
C LEU D 150 -21.18 2.81 -15.22
N VAL D 151 -20.26 3.60 -14.67
CA VAL D 151 -18.83 3.47 -14.96
C VAL D 151 -17.99 3.14 -13.73
N TRP D 152 -18.61 2.98 -12.55
CA TRP D 152 -17.78 2.64 -11.39
C TRP D 152 -17.03 1.32 -11.56
N HIS D 153 -17.52 0.44 -12.43
CA HIS D 153 -16.83 -0.81 -12.67
C HIS D 153 -15.43 -0.61 -13.25
N PHE D 154 -15.16 0.51 -13.92
CA PHE D 154 -13.77 0.73 -14.38
C PHE D 154 -12.80 0.62 -13.22
N SER D 155 -13.13 1.23 -12.08
CA SER D 155 -12.21 1.23 -10.95
C SER D 155 -12.22 -0.11 -10.21
N PHE D 156 -13.40 -0.72 -10.07
CA PHE D 156 -13.49 -2.04 -9.45
C PHE D 156 -12.62 -3.04 -10.20
N PHE D 157 -12.74 -3.05 -11.53
CA PHE D 157 -12.01 -4.03 -12.32
C PHE D 157 -10.52 -3.70 -12.41
N ALA D 158 -10.15 -2.41 -12.36
CA ALA D 158 -8.74 -2.04 -12.47
C ALA D 158 -7.99 -2.17 -11.15
N ALA D 159 -8.68 -2.36 -10.02
CA ALA D 159 -8.01 -2.46 -8.73
C ALA D 159 -7.02 -3.62 -8.71
N ASP D 160 -5.97 -3.49 -7.88
CA ASP D 160 -4.96 -4.53 -7.76
C ASP D 160 -5.41 -5.57 -6.72
N ASP D 161 -4.48 -6.37 -6.20
CA ASP D 161 -4.76 -7.48 -5.29
C ASP D 161 -5.75 -8.49 -5.85
N ARG D 162 -5.88 -8.56 -7.18
N ARG D 162 -5.90 -8.57 -7.18
CA ARG D 162 -6.93 -9.35 -7.84
CA ARG D 162 -6.94 -9.40 -7.79
C ARG D 162 -8.27 -9.17 -7.12
C ARG D 162 -8.30 -9.17 -7.13
N LEU D 163 -8.61 -7.90 -6.85
CA LEU D 163 -9.80 -7.60 -6.08
C LEU D 163 -11.05 -8.19 -6.72
N ALA D 164 -11.24 -7.93 -8.02
CA ALA D 164 -12.46 -8.37 -8.69
C ALA D 164 -12.52 -9.89 -8.78
N GLU D 165 -11.43 -10.54 -9.20
CA GLU D 165 -11.43 -12.00 -9.26
C GLU D 165 -11.72 -12.62 -7.90
N THR D 166 -11.14 -12.06 -6.84
CA THR D 166 -11.27 -12.66 -5.52
C THR D 166 -12.69 -12.54 -4.99
N LEU D 167 -13.33 -11.38 -5.21
CA LEU D 167 -14.69 -11.20 -4.73
C LEU D 167 -15.71 -11.92 -5.61
N ILE D 168 -15.47 -12.01 -6.92
CA ILE D 168 -16.46 -12.58 -7.82
C ILE D 168 -16.38 -14.09 -7.91
N ALA D 169 -15.21 -14.68 -7.66
CA ALA D 169 -15.10 -16.13 -7.65
C ALA D 169 -16.10 -16.76 -6.70
N GLY D 170 -16.79 -17.80 -7.18
CA GLY D 170 -17.88 -18.41 -6.43
C GLY D 170 -19.22 -17.72 -6.59
N LYS D 171 -19.25 -16.53 -7.19
CA LYS D 171 -20.46 -15.73 -7.37
C LYS D 171 -20.51 -15.18 -8.79
N GLU D 172 -19.95 -15.92 -9.76
CA GLU D 172 -19.78 -15.36 -11.10
C GLU D 172 -21.13 -15.12 -11.78
N ARG D 173 -22.06 -16.06 -11.63
CA ARG D 173 -23.39 -15.92 -12.22
C ARG D 173 -24.16 -14.79 -11.55
N PHE D 174 -24.09 -14.71 -10.21
CA PHE D 174 -24.74 -13.62 -9.49
C PHE D 174 -24.21 -12.27 -9.96
N PHE D 175 -22.89 -12.11 -10.03
CA PHE D 175 -22.34 -10.82 -10.41
C PHE D 175 -22.71 -10.46 -11.84
N LEU D 176 -22.59 -11.42 -12.76
CA LEU D 176 -22.81 -11.07 -14.16
C LEU D 176 -24.27 -10.68 -14.40
N GLU D 177 -25.22 -11.37 -13.76
CA GLU D 177 -26.61 -10.97 -13.87
C GLU D 177 -26.80 -9.54 -13.36
N HIS D 178 -26.21 -9.21 -12.20
CA HIS D 178 -26.34 -7.85 -11.71
C HIS D 178 -25.72 -6.85 -12.69
N PHE D 179 -24.52 -7.16 -13.20
CA PHE D 179 -23.84 -6.25 -14.11
C PHE D 179 -24.65 -6.03 -15.37
N ILE D 180 -25.15 -7.12 -15.97
CA ILE D 180 -25.91 -6.99 -17.21
C ILE D 180 -27.19 -6.19 -16.97
N LYS D 181 -27.94 -6.54 -15.92
CA LYS D 181 -29.23 -5.88 -15.73
C LYS D 181 -29.06 -4.43 -15.30
N SER D 182 -27.98 -4.09 -14.56
CA SER D 182 -27.78 -2.70 -14.17
C SER D 182 -27.38 -1.82 -15.35
N HIS D 183 -26.91 -2.41 -16.44
CA HIS D 183 -26.56 -1.65 -17.64
C HIS D 183 -27.56 -1.85 -18.76
N ALA D 184 -28.72 -2.44 -18.48
CA ALA D 184 -29.73 -2.70 -19.49
C ALA D 184 -30.95 -1.80 -19.30
N SER D 185 -31.61 -1.49 -20.41
CA SER D 185 -32.94 -0.91 -20.37
CA SER D 185 -32.95 -0.91 -20.36
C SER D 185 -34.02 -1.99 -20.33
N ASN D 186 -33.83 -3.04 -21.13
CA ASN D 186 -34.80 -4.12 -21.26
C ASN D 186 -34.14 -5.39 -20.76
N THR D 187 -34.42 -5.76 -19.51
CA THR D 187 -33.80 -6.94 -18.93
C THR D 187 -34.47 -8.22 -19.39
N GLU D 188 -35.67 -8.15 -19.97
CA GLU D 188 -36.41 -9.32 -20.38
C GLU D 188 -35.72 -10.11 -21.48
N VAL D 189 -34.79 -9.50 -22.22
CA VAL D 189 -34.19 -10.22 -23.35
C VAL D 189 -33.12 -11.20 -22.89
N PHE D 190 -32.74 -11.18 -21.61
CA PHE D 190 -31.71 -12.08 -21.08
C PHE D 190 -32.39 -13.21 -20.33
N SER D 191 -32.54 -14.35 -20.99
CA SER D 191 -33.11 -15.53 -20.32
C SER D 191 -32.15 -16.04 -19.25
N GLU D 192 -32.70 -16.82 -18.32
CA GLU D 192 -31.85 -17.44 -17.31
C GLU D 192 -30.78 -18.32 -17.96
N ARG D 193 -31.14 -19.00 -19.05
CA ARG D 193 -30.19 -19.87 -19.73
C ARG D 193 -29.07 -19.08 -20.39
N LEU D 194 -29.41 -17.96 -21.04
CA LEU D 194 -28.37 -17.13 -21.64
C LEU D 194 -27.38 -16.61 -20.59
N LEU D 195 -27.90 -16.18 -19.44
CA LEU D 195 -27.02 -15.75 -18.36
C LEU D 195 -26.13 -16.89 -17.87
N ASP D 196 -26.68 -18.10 -17.82
CA ASP D 196 -25.89 -19.26 -17.42
C ASP D 196 -24.72 -19.48 -18.38
N LEU D 197 -24.98 -19.38 -19.68
CA LEU D 197 -23.94 -19.62 -20.68
C LEU D 197 -22.82 -18.59 -20.57
N TYR D 198 -23.17 -17.31 -20.48
CA TYR D 198 -22.14 -16.28 -20.37
C TYR D 198 -21.37 -16.42 -19.05
N ALA D 199 -22.08 -16.74 -17.97
CA ALA D 199 -21.40 -16.85 -16.69
C ALA D 199 -20.42 -18.02 -16.66
N ARG D 200 -20.80 -19.16 -17.24
CA ARG D 200 -19.88 -20.30 -17.15
C ARG D 200 -18.63 -20.05 -17.98
N SER D 201 -18.72 -19.25 -19.04
CA SER D 201 -17.55 -18.96 -19.85
C SER D 201 -16.57 -18.05 -19.12
N TYR D 202 -17.04 -16.90 -18.63
CA TYR D 202 -16.08 -16.00 -18.01
C TYR D 202 -15.69 -16.45 -16.61
N ALA D 203 -16.34 -17.47 -16.06
CA ALA D 203 -15.94 -18.01 -14.77
C ALA D 203 -14.68 -18.87 -14.85
N LYS D 204 -14.29 -19.33 -16.05
CA LYS D 204 -13.00 -20.01 -16.18
C LYS D 204 -11.91 -19.14 -15.57
N PRO D 205 -11.05 -19.69 -14.70
CA PRO D 205 -10.10 -18.82 -13.99
C PRO D 205 -9.29 -17.90 -14.88
N HIS D 206 -8.75 -18.39 -15.99
CA HIS D 206 -7.96 -17.48 -16.82
C HIS D 206 -8.85 -16.46 -17.53
N SER D 207 -10.13 -16.78 -17.75
CA SER D 207 -11.04 -15.83 -18.40
C SER D 207 -11.54 -14.77 -17.44
N LEU D 208 -11.81 -15.16 -16.19
CA LEU D 208 -12.15 -14.17 -15.17
C LEU D 208 -11.02 -13.15 -14.99
N ASN D 209 -9.78 -13.65 -14.93
CA ASN D 209 -8.65 -12.72 -14.84
C ASN D 209 -8.49 -11.90 -16.12
N ALA D 210 -8.53 -12.55 -17.28
CA ALA D 210 -8.38 -11.81 -18.54
C ALA D 210 -9.37 -10.67 -18.62
N SER D 211 -10.62 -10.91 -18.19
CA SER D 211 -11.66 -9.88 -18.23
C SER D 211 -11.18 -8.60 -17.58
N PHE D 212 -10.60 -8.71 -16.39
CA PHE D 212 -10.22 -7.52 -15.66
C PHE D 212 -8.87 -6.97 -16.09
N GLU D 213 -8.01 -7.79 -16.71
CA GLU D 213 -6.74 -7.22 -17.18
C GLU D 213 -6.96 -6.18 -18.27
N TYR D 214 -8.04 -6.29 -19.06
CA TYR D 214 -8.33 -5.22 -20.02
C TYR D 214 -8.53 -3.88 -19.30
N TYR D 215 -9.11 -3.89 -18.11
CA TYR D 215 -9.30 -2.66 -17.34
C TYR D 215 -8.04 -2.23 -16.60
N ARG D 216 -7.23 -3.19 -16.15
CA ARG D 216 -5.95 -2.84 -15.54
C ARG D 216 -5.02 -2.19 -16.56
N ALA D 217 -5.26 -2.39 -17.86
CA ALA D 217 -4.49 -1.73 -18.90
C ALA D 217 -5.16 -0.49 -19.47
N LEU D 218 -6.30 -0.07 -18.92
CA LEU D 218 -7.08 1.00 -19.54
C LEU D 218 -6.32 2.32 -19.56
N ASN D 219 -5.67 2.70 -18.44
CA ASN D 219 -4.93 3.96 -18.48
C ASN D 219 -3.76 3.90 -19.45
N GLU D 220 -3.11 2.74 -19.60
CA GLU D 220 -2.08 2.61 -20.63
C GLU D 220 -2.67 2.79 -22.03
N SER D 221 -3.89 2.26 -22.25
CA SER D 221 -4.54 2.44 -23.55
C SER D 221 -4.88 3.91 -23.81
N VAL D 222 -5.36 4.63 -22.78
CA VAL D 222 -5.57 6.08 -22.89
C VAL D 222 -4.29 6.77 -23.34
N ARG D 223 -3.16 6.42 -22.72
CA ARG D 223 -1.91 7.10 -23.07
C ARG D 223 -1.47 6.73 -24.48
N GLN D 224 -1.66 5.47 -24.87
CA GLN D 224 -1.37 5.06 -26.25
C GLN D 224 -2.19 5.87 -27.24
N ASN D 225 -3.49 6.01 -26.95
CA ASN D 225 -4.39 6.65 -27.90
C ASN D 225 -4.14 8.15 -28.00
N ALA D 226 -3.56 8.77 -26.96
CA ALA D 226 -3.24 10.19 -27.05
C ALA D 226 -2.27 10.47 -28.19
N GLU D 227 -1.33 9.56 -28.45
CA GLU D 227 -0.45 9.67 -29.60
C GLU D 227 -1.15 9.23 -30.90
N LEU D 228 -1.84 8.09 -30.85
CA LEU D 228 -2.45 7.57 -32.07
C LEU D 228 -3.46 8.53 -32.68
N ALA D 229 -4.19 9.27 -31.83
CA ALA D 229 -5.29 10.10 -32.29
C ALA D 229 -4.84 11.35 -33.03
N LYS D 230 -3.52 11.59 -33.17
CA LYS D 230 -3.05 12.67 -34.01
C LYS D 230 -3.39 12.44 -35.48
N THR D 231 -3.74 11.21 -35.85
CA THR D 231 -4.19 10.84 -37.18
C THR D 231 -5.68 10.55 -37.14
N ARG D 232 -6.48 11.35 -37.86
CA ARG D 232 -7.92 11.14 -37.90
C ARG D 232 -8.29 9.92 -38.75
N LEU D 233 -9.44 9.33 -38.43
CA LEU D 233 -9.97 8.21 -39.20
C LEU D 233 -10.65 8.72 -40.47
N GLN D 234 -10.35 8.09 -41.61
CA GLN D 234 -10.85 8.57 -42.89
C GLN D 234 -11.92 7.67 -43.51
N MET D 235 -12.14 6.46 -42.98
CA MET D 235 -13.11 5.57 -43.59
C MET D 235 -14.52 5.87 -43.10
N PRO D 236 -15.56 5.48 -43.87
CA PRO D 236 -16.94 5.71 -43.41
C PRO D 236 -17.18 4.99 -42.08
N THR D 237 -17.78 5.70 -41.13
CA THR D 237 -17.98 5.20 -39.78
CA THR D 237 -18.00 5.16 -39.80
C THR D 237 -19.43 5.41 -39.36
N MET D 238 -19.96 4.46 -38.58
CA MET D 238 -21.26 4.60 -37.96
C MET D 238 -21.14 4.29 -36.48
N THR D 239 -21.76 5.10 -35.64
CA THR D 239 -21.85 4.79 -34.22
C THR D 239 -23.28 4.44 -33.86
N LEU D 240 -23.43 3.52 -32.91
CA LEU D 240 -24.72 3.19 -32.33
C LEU D 240 -24.63 3.29 -30.82
N ALA D 241 -25.69 3.75 -30.19
CA ALA D 241 -25.75 3.84 -28.73
C ALA D 241 -27.18 3.65 -28.28
N GLY D 242 -27.35 3.14 -27.06
CA GLY D 242 -28.68 3.05 -26.48
C GLY D 242 -29.13 4.39 -25.96
N GLY D 243 -30.45 4.62 -26.03
CA GLY D 243 -31.04 5.84 -25.51
C GLY D 243 -31.67 5.67 -24.15
N GLY D 244 -31.80 4.43 -23.69
CA GLY D 244 -32.38 4.14 -22.39
C GLY D 244 -31.31 3.97 -21.31
N HIS D 245 -31.77 3.46 -20.16
CA HIS D 245 -30.86 3.17 -19.06
C HIS D 245 -29.74 2.24 -19.49
N GLY D 246 -28.50 2.62 -19.18
CA GLY D 246 -27.31 1.91 -19.63
C GLY D 246 -26.74 2.41 -20.93
N GLY D 247 -27.52 3.17 -21.70
CA GLY D 247 -27.04 3.62 -22.98
C GLY D 247 -26.14 4.83 -22.85
N MET D 248 -25.26 4.99 -23.82
CA MET D 248 -24.36 6.14 -23.82
C MET D 248 -24.96 7.36 -24.48
N GLY D 249 -26.14 7.24 -25.08
CA GLY D 249 -26.80 8.42 -25.60
C GLY D 249 -25.95 9.12 -26.64
N THR D 250 -25.95 10.46 -26.59
CA THR D 250 -25.26 11.22 -27.60
C THR D 250 -23.74 11.16 -27.46
N PHE D 251 -23.22 10.64 -26.35
CA PHE D 251 -21.78 10.61 -26.15
C PHE D 251 -21.06 9.87 -27.27
N GLN D 252 -21.62 8.75 -27.74
CA GLN D 252 -20.90 7.91 -28.69
C GLN D 252 -20.61 8.66 -29.97
N LEU D 253 -21.64 9.29 -30.56
CA LEU D 253 -21.41 10.04 -31.78
C LEU D 253 -20.59 11.29 -31.53
N GLU D 254 -20.82 11.97 -30.42
CA GLU D 254 -20.11 13.22 -30.19
C GLU D 254 -18.62 12.99 -30.01
N GLN D 255 -18.24 11.91 -29.29
CA GLN D 255 -16.82 11.56 -29.22
C GLN D 255 -16.28 11.19 -30.59
N MET D 256 -17.01 10.36 -31.34
CA MET D 256 -16.47 9.89 -32.61
C MET D 256 -16.25 11.04 -33.60
N LYS D 257 -17.03 12.11 -33.49
CA LYS D 257 -16.84 13.26 -34.35
C LYS D 257 -15.44 13.85 -34.21
N ALA D 258 -14.82 13.68 -33.04
CA ALA D 258 -13.46 14.17 -32.82
C ALA D 258 -12.41 13.24 -33.41
N TYR D 259 -12.79 12.01 -33.76
CA TYR D 259 -11.86 11.04 -34.31
C TYR D 259 -12.02 10.81 -35.80
N ALA D 260 -13.22 11.01 -36.34
CA ALA D 260 -13.55 10.54 -37.66
C ALA D 260 -14.13 11.65 -38.53
N GLU D 261 -13.66 11.73 -39.77
CA GLU D 261 -14.11 12.75 -40.69
C GLU D 261 -15.49 12.46 -41.25
N ASP D 262 -15.86 11.18 -41.38
CA ASP D 262 -17.07 10.76 -42.09
C ASP D 262 -17.82 9.83 -41.15
N VAL D 263 -18.70 10.39 -40.31
CA VAL D 263 -19.38 9.60 -39.29
C VAL D 263 -20.86 9.95 -39.26
N GLU D 264 -21.69 8.92 -39.14
CA GLU D 264 -23.11 9.05 -38.86
C GLU D 264 -23.40 8.28 -37.58
N GLY D 265 -24.40 8.72 -36.83
CA GLY D 265 -24.71 8.08 -35.57
C GLY D 265 -26.20 7.90 -35.40
N HIS D 266 -26.55 6.92 -34.56
CA HIS D 266 -27.93 6.69 -34.16
C HIS D 266 -28.00 6.39 -32.68
N VAL D 267 -29.04 6.89 -32.03
CA VAL D 267 -29.36 6.56 -30.65
C VAL D 267 -30.68 5.80 -30.66
N LEU D 268 -30.70 4.64 -30.02
CA LEU D 268 -31.80 3.70 -30.13
C LEU D 268 -32.68 3.79 -28.89
N PRO D 269 -33.86 4.41 -28.97
CA PRO D 269 -34.72 4.51 -27.77
C PRO D 269 -35.17 3.14 -27.30
N GLY D 270 -35.31 3.00 -25.97
CA GLY D 270 -35.76 1.76 -25.38
C GLY D 270 -34.70 0.70 -25.24
N CYS D 271 -33.44 1.04 -25.46
CA CYS D 271 -32.35 0.08 -25.36
C CYS D 271 -31.22 0.69 -24.55
N GLY D 272 -30.56 -0.17 -23.79
CA GLY D 272 -29.42 0.22 -22.98
C GLY D 272 -28.08 -0.15 -23.58
N HIS D 273 -27.26 -0.88 -22.82
CA HIS D 273 -25.91 -1.17 -23.25
C HIS D 273 -25.81 -2.33 -24.22
N TRP D 274 -26.69 -3.31 -24.09
CA TRP D 274 -26.50 -4.60 -24.74
C TRP D 274 -27.23 -4.63 -26.07
N LEU D 275 -26.80 -3.77 -26.99
CA LEU D 275 -27.60 -3.53 -28.20
C LEU D 275 -27.89 -4.79 -29.01
N PRO D 276 -26.94 -5.71 -29.24
CA PRO D 276 -27.27 -6.90 -30.04
C PRO D 276 -28.38 -7.73 -29.44
N GLU D 277 -28.59 -7.67 -28.12
CA GLU D 277 -29.64 -8.44 -27.48
C GLU D 277 -30.89 -7.62 -27.15
N GLU D 278 -30.73 -6.40 -26.62
CA GLU D 278 -31.90 -5.57 -26.30
C GLU D 278 -32.54 -4.98 -27.54
N CYS D 279 -31.76 -4.77 -28.59
CA CYS D 279 -32.17 -4.03 -29.78
C CYS D 279 -31.79 -4.81 -31.04
N ALA D 280 -31.95 -6.14 -31.00
CA ALA D 280 -31.39 -6.99 -32.06
C ALA D 280 -31.88 -6.59 -33.45
N ALA D 281 -33.19 -6.47 -33.64
CA ALA D 281 -33.67 -6.23 -35.00
C ALA D 281 -33.25 -4.86 -35.52
N PRO D 282 -33.49 -3.74 -34.81
CA PRO D 282 -33.03 -2.45 -35.37
C PRO D 282 -31.52 -2.33 -35.47
N MET D 283 -30.78 -2.86 -34.48
CA MET D 283 -29.32 -2.81 -34.58
C MET D 283 -28.85 -3.58 -35.81
N ASN D 284 -29.38 -4.79 -36.01
CA ASN D 284 -28.95 -5.58 -37.17
C ASN D 284 -29.25 -4.85 -38.45
N ARG D 285 -30.44 -4.24 -38.54
CA ARG D 285 -30.84 -3.55 -39.75
C ARG D 285 -29.89 -2.40 -40.06
N LEU D 286 -29.54 -1.61 -39.04
CA LEU D 286 -28.67 -0.45 -39.27
C LEU D 286 -27.27 -0.88 -39.68
N VAL D 287 -26.75 -1.95 -39.06
CA VAL D 287 -25.42 -2.45 -39.41
C VAL D 287 -25.42 -3.02 -40.84
N ILE D 288 -26.40 -3.88 -41.14
CA ILE D 288 -26.47 -4.47 -42.47
C ILE D 288 -26.58 -3.39 -43.54
N ASP D 289 -27.46 -2.40 -43.32
CA ASP D 289 -27.64 -1.36 -44.33
C ASP D 289 -26.38 -0.49 -44.48
N PHE D 290 -25.74 -0.15 -43.37
CA PHE D 290 -24.55 0.69 -43.45
C PHE D 290 -23.42 -0.03 -44.20
N LEU D 291 -23.23 -1.32 -43.92
CA LEU D 291 -22.14 -2.04 -44.58
C LEU D 291 -22.47 -2.38 -46.02
N SER D 292 -23.76 -2.49 -46.36
CA SER D 292 -24.12 -2.86 -47.72
C SER D 292 -24.08 -1.69 -48.69
N ARG D 293 -23.86 -0.47 -48.20
CA ARG D 293 -23.49 0.63 -49.11
C ARG D 293 -22.17 0.35 -49.82
N GLY D 294 -21.30 -0.47 -49.22
CA GLY D 294 -20.11 -0.94 -49.90
C GLY D 294 -20.37 -2.20 -50.71
N ARG D 295 -19.33 -2.66 -51.39
CA ARG D 295 -19.46 -3.86 -52.22
C ARG D 295 -19.67 -5.10 -51.35
N HIS D 296 -20.52 -6.01 -51.82
CA HIS D 296 -20.81 -7.23 -51.08
C HIS D 296 -21.33 -8.34 -51.99
C1 7F2 E . 12.79 5.09 -1.65
C2 7F2 E . 14.14 5.41 -1.12
CE 7F2 E . 15.18 5.79 -2.12
CD 7F2 E . 16.48 5.07 -2.05
CG 7F2 E . 16.50 3.70 -2.64
CB 7F2 E . 17.64 3.39 -3.54
CA 7F2 E . 17.80 1.98 -3.99
C 7F2 E . 16.57 1.56 -4.74
O1 7F2 E . 18.03 1.15 -2.91
C1 7F2 F . 22.43 1.05 19.65
C2 7F2 F . 20.99 0.76 19.98
CE 7F2 F . 20.52 -0.66 20.01
CD 7F2 F . 19.28 -0.87 20.80
CG 7F2 F . 18.50 -2.13 20.59
CB 7F2 F . 17.27 -2.27 21.43
CA 7F2 F . 16.43 -3.48 21.23
C 7F2 F . 17.23 -4.69 21.60
O1 7F2 F . 15.96 -3.56 19.92
C1 7F2 G . -10.94 8.37 1.11
C2 7F2 G . -11.80 9.57 0.96
CE 7F2 G . -13.16 9.37 0.38
CD 7F2 G . -14.33 9.55 1.28
CG 7F2 G . -14.94 8.29 1.81
CB 7F2 G . -16.09 8.42 2.75
CA 7F2 G . -16.62 7.18 3.41
C 7F2 G . -15.54 6.53 4.20
O1 7F2 G . -17.14 6.32 2.47
C1 7F2 H . -21.59 4.80 -20.03
C2 7F2 H . -20.27 4.13 -20.27
CE 7F2 H . -20.20 2.66 -20.13
CD 7F2 H . -19.09 1.99 -20.87
CG 7F2 H . -18.79 0.56 -20.57
CB 7F2 H . -17.65 -0.02 -21.33
CA 7F2 H . -17.15 -1.38 -20.94
C 7F2 H . -18.24 -2.37 -21.16
O1 7F2 H . -16.71 -1.38 -19.63
#